data_1AIB
#
_entry.id   1AIB
#
_cell.length_a   86.600
_cell.length_b   79.800
_cell.length_c   89.800
_cell.angle_alpha   90.00
_cell.angle_beta   119.00
_cell.angle_gamma   90.00
#
_symmetry.space_group_name_H-M   'P 1 21 1'
#
loop_
_entity.id
_entity.type
_entity.pdbx_description
1 polymer 'ASPARTATE AMINOTRANSFERASE'
2 non-polymer "4'-DEOXY-4'-AMINOPYRIDOXAL-5'-PHOSPHATE"
3 non-polymer '2-OXOGLUTARIC ACID'
#
_entity_poly.entity_id   1
_entity_poly.type   'polypeptide(L)'
_entity_poly.pdbx_seq_one_letter_code
;MFENITAAPADPILGLADLFRADERPGKINLGIGVYKDETGKTPVLTSVKKAEQYLLENETTKNYLGIDGIPEFGRCTQE
LLFGKGSALINDKRARTAQTPGGTGALRVAADFLAKNTSVKRVWVSNPSWPNHKSVFNSAGLEVREYAYYDAENHTLDFD
ALINSLNEAQAGDVVLFHGCCHNPTGIDPTLEQWQTLAQLSVEKGWLPLFDFAYQGFARGLEEDAEGLRAFAAMHKELIV
ASSYSHNFGLYNERVGACTLVAADSETVDRAFSQMKAAIRANYSNPPAHGASVVATILSNDALRAIWEQELTDMRQRIQR
MRQLFVNTLQEKGANRDFSFIIKQNGMFSFSGLTKEQVLRLREEFGVYAVASGRVNVAGMTPDNMAPLCEAIVAVL
;
_entity_poly.pdbx_strand_id   A,B
#
loop_
_chem_comp.id
_chem_comp.type
_chem_comp.name
_chem_comp.formula
AKG non-polymer '2-OXOGLUTARIC ACID' 'C5 H6 O5'
PMP non-polymer 4'-DEOXY-4'-AMINOPYRIDOXAL-5'-PHOSPHATE 'C8 H13 N2 O5 P'
#
# COMPACT_ATOMS: atom_id res chain seq x y z
N MET A 1 8.22 2.74 26.24
CA MET A 1 7.51 3.65 25.36
C MET A 1 6.07 3.28 24.95
N PHE A 2 5.81 1.98 24.96
CA PHE A 2 4.53 1.43 24.58
C PHE A 2 3.70 1.04 25.79
N GLU A 3 4.24 1.22 27.01
CA GLU A 3 3.60 0.82 28.27
C GLU A 3 2.17 1.23 28.56
N ASN A 4 1.92 2.45 28.11
CA ASN A 4 0.71 3.15 28.48
C ASN A 4 0.00 3.65 27.23
N ILE A 5 0.10 2.81 26.18
CA ILE A 5 -0.62 3.04 24.94
C ILE A 5 -2.01 2.44 25.16
N THR A 6 -3.05 3.18 24.80
CA THR A 6 -4.42 2.71 24.96
C THR A 6 -4.94 1.97 23.71
N ALA A 7 -5.82 1.06 24.03
CA ALA A 7 -6.50 0.17 23.13
C ALA A 7 -7.01 0.45 21.74
N ALA A 8 -7.29 1.63 21.20
CA ALA A 8 -7.91 1.79 19.87
C ALA A 8 -9.27 1.10 19.74
N PRO A 9 -10.35 1.86 19.44
CA PRO A 9 -11.71 1.34 19.41
C PRO A 9 -11.96 0.27 18.33
N ALA A 10 -12.95 -0.60 18.50
CA ALA A 10 -13.25 -1.57 17.45
C ALA A 10 -13.89 -0.88 16.25
N ASP A 11 -13.45 -1.29 15.04
CA ASP A 11 -13.97 -0.73 13.81
C ASP A 11 -15.43 -1.11 13.70
N PRO A 12 -16.33 -0.18 13.33
CA PRO A 12 -17.76 -0.43 13.12
C PRO A 12 -18.13 -1.56 12.19
N ILE A 13 -17.41 -1.61 11.05
CA ILE A 13 -17.62 -2.63 10.04
C ILE A 13 -16.86 -3.90 10.40
N LEU A 14 -15.55 -3.81 10.56
CA LEU A 14 -14.71 -4.98 10.79
C LEU A 14 -14.92 -5.85 12.01
N GLY A 15 -15.21 -5.18 13.12
CA GLY A 15 -15.33 -5.86 14.40
C GLY A 15 -16.58 -6.71 14.58
N LEU A 16 -17.55 -6.50 13.70
CA LEU A 16 -18.77 -7.29 13.82
C LEU A 16 -18.51 -8.72 13.29
N ALA A 17 -17.57 -8.79 12.33
CA ALA A 17 -17.17 -10.04 11.71
C ALA A 17 -16.79 -11.09 12.73
N ASP A 18 -15.91 -10.70 13.65
CA ASP A 18 -15.48 -11.59 14.71
C ASP A 18 -16.60 -12.13 15.57
N LEU A 19 -17.49 -11.23 15.91
CA LEU A 19 -18.69 -11.52 16.68
C LEU A 19 -19.59 -12.60 16.08
N PHE A 20 -19.55 -12.60 14.75
CA PHE A 20 -20.32 -13.53 13.97
C PHE A 20 -19.67 -14.85 13.97
N ARG A 21 -18.44 -14.85 13.41
CA ARG A 21 -17.65 -16.05 13.23
C ARG A 21 -17.65 -16.85 14.51
N ALA A 22 -17.23 -16.13 15.55
CA ALA A 22 -17.22 -16.64 16.90
C ALA A 22 -18.55 -16.89 17.62
N ASP A 23 -19.77 -16.70 17.08
CA ASP A 23 -20.96 -16.90 17.88
C ASP A 23 -21.46 -18.32 17.80
N GLU A 24 -21.00 -19.04 16.76
CA GLU A 24 -21.34 -20.43 16.45
C GLU A 24 -22.74 -21.01 16.80
N ARG A 25 -23.64 -20.23 16.23
CA ARG A 25 -25.05 -20.56 16.19
C ARG A 25 -25.25 -21.32 14.87
N PRO A 26 -26.29 -22.12 14.78
CA PRO A 26 -26.95 -22.56 13.54
C PRO A 26 -27.11 -21.78 12.22
N GLY A 27 -28.35 -21.50 11.74
CA GLY A 27 -28.61 -20.92 10.42
C GLY A 27 -28.39 -19.43 10.29
N LYS A 28 -27.48 -18.92 11.12
CA LYS A 28 -27.10 -17.52 11.21
C LYS A 28 -26.77 -16.84 9.89
N ILE A 29 -27.06 -15.54 9.82
CA ILE A 29 -26.91 -14.82 8.57
C ILE A 29 -25.99 -13.65 8.80
N ASN A 30 -25.11 -13.29 7.87
CA ASN A 30 -24.29 -12.12 8.09
C ASN A 30 -24.50 -11.19 6.94
N LEU A 31 -25.18 -10.12 7.31
CA LEU A 31 -25.41 -9.01 6.41
C LEU A 31 -24.54 -7.80 6.72
N GLY A 32 -23.71 -7.92 7.74
CA GLY A 32 -22.75 -6.88 8.03
C GLY A 32 -21.43 -6.97 7.24
N ILE A 33 -21.37 -7.82 6.22
CA ILE A 33 -20.12 -7.95 5.45
C ILE A 33 -20.09 -6.82 4.45
N GLY A 34 -18.97 -6.44 3.93
CA GLY A 34 -19.04 -5.46 2.85
C GLY A 34 -18.52 -5.99 1.50
N VAL A 35 -18.67 -7.28 1.25
CA VAL A 35 -18.16 -7.95 0.09
C VAL A 35 -19.35 -8.63 -0.60
N TYR A 36 -19.35 -8.71 -1.93
CA TYR A 36 -20.37 -9.43 -2.66
C TYR A 36 -20.29 -10.91 -2.26
N LYS A 37 -21.38 -11.64 -2.45
CA LYS A 37 -21.50 -13.01 -1.96
C LYS A 37 -22.51 -13.54 -2.98
N ASP A 38 -22.26 -14.68 -3.67
CA ASP A 38 -23.20 -15.16 -4.69
C ASP A 38 -24.23 -16.04 -4.04
N GLU A 39 -25.10 -16.61 -4.87
CA GLU A 39 -26.21 -17.48 -4.44
C GLU A 39 -25.93 -18.62 -3.44
N THR A 40 -24.68 -19.10 -3.48
CA THR A 40 -24.19 -20.21 -2.68
C THR A 40 -23.62 -19.70 -1.36
N GLY A 41 -23.30 -18.42 -1.33
CA GLY A 41 -22.73 -17.88 -0.11
C GLY A 41 -21.23 -17.70 -0.18
N LYS A 42 -20.61 -17.34 -1.30
CA LYS A 42 -19.18 -17.22 -1.35
C LYS A 42 -18.82 -16.22 -2.41
N THR A 43 -17.57 -15.81 -2.25
CA THR A 43 -17.02 -14.69 -2.97
C THR A 43 -15.98 -15.25 -3.90
N PRO A 44 -16.37 -15.76 -5.08
CA PRO A 44 -15.49 -16.38 -6.02
C PRO A 44 -14.60 -15.36 -6.72
N VAL A 45 -13.72 -16.06 -7.41
CA VAL A 45 -12.73 -15.40 -8.20
C VAL A 45 -13.34 -15.38 -9.56
N LEU A 46 -13.55 -14.19 -10.09
CA LEU A 46 -14.13 -14.02 -11.38
C LEU A 46 -13.31 -14.87 -12.34
N THR A 47 -14.02 -15.54 -13.24
CA THR A 47 -13.35 -16.36 -14.23
C THR A 47 -12.38 -15.56 -15.08
N SER A 48 -12.75 -14.32 -15.47
CA SER A 48 -11.91 -13.55 -16.32
C SER A 48 -10.65 -13.13 -15.60
N VAL A 49 -10.75 -13.01 -14.26
CA VAL A 49 -9.61 -12.66 -13.46
C VAL A 49 -8.67 -13.83 -13.54
N LYS A 50 -9.17 -15.03 -13.20
CA LYS A 50 -8.42 -16.27 -13.21
C LYS A 50 -7.79 -16.51 -14.56
N LYS A 51 -8.47 -16.16 -15.64
CA LYS A 51 -7.91 -16.28 -16.97
C LYS A 51 -6.75 -15.36 -17.21
N ALA A 52 -6.83 -14.19 -16.59
CA ALA A 52 -5.81 -13.20 -16.77
C ALA A 52 -4.68 -13.60 -15.85
N GLU A 53 -4.93 -14.18 -14.68
CA GLU A 53 -3.86 -14.58 -13.81
C GLU A 53 -3.01 -15.72 -14.44
N GLN A 54 -3.49 -16.51 -15.46
CA GLN A 54 -2.69 -17.59 -16.08
C GLN A 54 -1.81 -16.94 -17.11
N TYR A 55 -2.43 -16.10 -17.89
CA TYR A 55 -1.77 -15.28 -18.88
C TYR A 55 -0.51 -14.61 -18.31
N LEU A 56 -0.59 -14.01 -17.11
CA LEU A 56 0.55 -13.36 -16.50
C LEU A 56 1.49 -14.42 -16.00
N LEU A 57 1.04 -15.51 -15.37
CA LEU A 57 1.93 -16.60 -14.97
C LEU A 57 2.88 -17.04 -16.08
N GLU A 58 2.39 -17.13 -17.29
CA GLU A 58 3.15 -17.53 -18.45
C GLU A 58 4.06 -16.47 -19.00
N ASN A 59 3.57 -15.22 -18.96
CA ASN A 59 4.25 -14.11 -19.59
C ASN A 59 5.18 -13.20 -18.81
N GLU A 60 5.05 -13.12 -17.50
CA GLU A 60 5.90 -12.29 -16.69
C GLU A 60 7.25 -12.90 -16.64
N THR A 61 8.13 -12.02 -17.03
CA THR A 61 9.54 -12.30 -17.07
C THR A 61 10.26 -11.60 -15.93
N THR A 62 9.73 -10.60 -15.21
CA THR A 62 10.49 -9.90 -14.14
C THR A 62 9.47 -9.45 -13.15
N LYS A 63 9.91 -9.31 -11.91
CA LYS A 63 9.01 -8.66 -10.99
C LYS A 63 9.62 -7.32 -10.54
N ASN A 64 10.45 -6.70 -11.41
CA ASN A 64 11.01 -5.40 -11.11
C ASN A 64 9.92 -4.32 -10.95
N TYR A 65 10.29 -3.39 -10.09
CA TYR A 65 9.47 -2.28 -9.71
C TYR A 65 8.72 -1.55 -10.79
N LEU A 66 7.54 -1.22 -10.33
CA LEU A 66 6.73 -0.33 -11.13
C LEU A 66 7.13 1.15 -10.98
N GLY A 67 6.72 2.08 -11.87
CA GLY A 67 6.86 3.50 -11.59
C GLY A 67 6.06 3.84 -10.33
N ILE A 68 6.03 5.09 -9.87
CA ILE A 68 5.27 5.39 -8.66
C ILE A 68 3.76 5.46 -8.94
N ASP A 69 3.50 5.84 -10.17
CA ASP A 69 2.14 5.91 -10.66
C ASP A 69 1.60 4.58 -11.21
N GLY A 70 2.46 3.53 -11.21
CA GLY A 70 2.08 2.19 -11.61
C GLY A 70 2.13 1.91 -13.10
N ILE A 71 1.14 1.10 -13.52
CA ILE A 71 1.05 0.59 -14.88
C ILE A 71 0.35 1.57 -15.81
N PRO A 72 0.98 2.12 -16.84
CA PRO A 72 0.37 2.96 -17.82
C PRO A 72 -0.96 2.51 -18.37
N GLU A 73 -1.21 1.30 -18.93
CA GLU A 73 -2.53 1.06 -19.50
C GLU A 73 -3.50 0.76 -18.40
N PHE A 74 -3.01 0.46 -17.19
CA PHE A 74 -3.96 0.37 -16.11
C PHE A 74 -4.44 1.80 -15.99
N GLY A 75 -3.52 2.79 -15.91
CA GLY A 75 -3.87 4.21 -15.88
C GLY A 75 -4.91 4.61 -16.92
N ARG A 76 -4.58 4.44 -18.23
CA ARG A 76 -5.39 4.83 -19.40
C ARG A 76 -6.80 4.24 -19.41
N CYS A 77 -6.79 2.95 -19.07
CA CYS A 77 -8.01 2.18 -19.09
C CYS A 77 -8.87 2.73 -18.00
N THR A 78 -8.39 3.08 -16.77
CA THR A 78 -9.37 3.63 -15.85
C THR A 78 -9.77 5.05 -16.25
N GLN A 79 -8.93 5.82 -16.92
CA GLN A 79 -9.35 7.12 -17.39
C GLN A 79 -10.50 7.06 -18.35
N GLU A 80 -10.52 6.11 -19.28
CA GLU A 80 -11.66 5.94 -20.19
C GLU A 80 -12.80 5.31 -19.48
N LEU A 81 -12.52 4.58 -18.43
CA LEU A 81 -13.61 3.98 -17.74
C LEU A 81 -14.35 5.04 -16.96
N LEU A 82 -13.64 6.05 -16.46
CA LEU A 82 -14.28 7.08 -15.67
C LEU A 82 -14.95 8.16 -16.49
N PHE A 83 -14.22 8.66 -17.46
CA PHE A 83 -14.60 9.82 -18.24
C PHE A 83 -15.11 9.49 -19.62
N GLY A 84 -15.27 8.21 -19.96
CA GLY A 84 -15.66 7.80 -21.28
C GLY A 84 -14.47 7.94 -22.24
N LYS A 85 -14.51 7.20 -23.36
CA LYS A 85 -13.43 7.18 -24.34
C LYS A 85 -13.05 8.46 -25.09
N GLY A 86 -14.01 9.29 -25.54
CA GLY A 86 -13.62 10.51 -26.27
C GLY A 86 -13.49 11.77 -25.41
N SER A 87 -13.42 11.64 -24.08
CA SER A 87 -13.36 12.77 -23.18
C SER A 87 -12.24 13.73 -23.51
N ALA A 88 -12.68 14.97 -23.55
CA ALA A 88 -11.78 16.11 -23.71
C ALA A 88 -10.68 16.04 -22.66
N LEU A 89 -11.06 15.73 -21.41
CA LEU A 89 -10.11 15.59 -20.31
C LEU A 89 -8.94 14.69 -20.66
N ILE A 90 -9.26 13.67 -21.46
CA ILE A 90 -8.26 12.73 -21.87
C ILE A 90 -7.54 13.32 -23.06
N ASN A 91 -8.25 13.81 -24.04
CA ASN A 91 -7.59 14.31 -25.24
C ASN A 91 -6.63 15.49 -25.07
N ASP A 92 -7.03 16.38 -24.17
CA ASP A 92 -6.30 17.57 -23.79
C ASP A 92 -5.23 17.27 -22.76
N LYS A 93 -5.20 16.01 -22.29
CA LYS A 93 -4.19 15.54 -21.34
C LYS A 93 -4.26 16.36 -20.01
N ARG A 94 -5.47 16.48 -19.44
CA ARG A 94 -5.76 17.23 -18.21
C ARG A 94 -5.92 16.35 -17.01
N ALA A 95 -5.85 15.04 -17.18
CA ALA A 95 -6.02 14.11 -16.08
C ALA A 95 -4.79 13.25 -15.90
N ARG A 96 -4.38 12.91 -14.66
CA ARG A 96 -3.31 11.97 -14.41
C ARG A 96 -3.70 11.00 -13.32
N THR A 97 -3.45 9.71 -13.62
CA THR A 97 -3.82 8.62 -12.74
C THR A 97 -2.60 7.95 -12.13
N ALA A 98 -2.66 7.69 -10.81
CA ALA A 98 -1.66 6.95 -10.11
C ALA A 98 -2.36 5.72 -9.53
N GLN A 99 -1.80 4.54 -9.83
CA GLN A 99 -2.21 3.24 -9.31
C GLN A 99 -1.87 3.22 -7.81
N THR A 100 -2.86 2.90 -7.00
CA THR A 100 -2.71 2.98 -5.56
C THR A 100 -3.08 1.65 -4.91
N PRO A 101 -2.75 1.27 -3.68
CA PRO A 101 -3.33 0.17 -2.92
C PRO A 101 -4.75 0.27 -2.46
N GLY A 102 -5.64 0.15 -3.44
CA GLY A 102 -7.08 0.18 -3.17
C GLY A 102 -7.69 1.57 -3.34
N GLY A 103 -9.01 1.63 -3.17
CA GLY A 103 -9.76 2.87 -3.15
C GLY A 103 -9.34 3.67 -1.93
N THR A 104 -9.14 3.00 -0.78
CA THR A 104 -8.68 3.62 0.44
C THR A 104 -7.29 4.19 0.29
N GLY A 105 -6.41 3.53 -0.45
CA GLY A 105 -5.08 4.03 -0.70
C GLY A 105 -5.16 5.23 -1.62
N ALA A 106 -6.14 5.33 -2.51
CA ALA A 106 -6.24 6.54 -3.30
C ALA A 106 -6.77 7.77 -2.53
N LEU A 107 -7.62 7.51 -1.51
CA LEU A 107 -8.27 8.47 -0.65
C LEU A 107 -7.17 9.04 0.20
N ARG A 108 -6.45 8.21 0.92
CA ARG A 108 -5.29 8.60 1.69
C ARG A 108 -4.26 9.31 0.85
N VAL A 109 -3.82 8.79 -0.30
CA VAL A 109 -2.89 9.50 -1.19
C VAL A 109 -3.37 10.89 -1.59
N ALA A 110 -4.69 11.08 -1.83
CA ALA A 110 -5.32 12.34 -2.14
C ALA A 110 -5.14 13.21 -0.93
N ALA A 111 -5.49 12.67 0.25
CA ALA A 111 -5.41 13.38 1.52
C ALA A 111 -4.00 13.87 1.76
N ASP A 112 -2.90 13.12 1.74
CA ASP A 112 -1.59 13.69 1.97
C ASP A 112 -1.23 14.68 0.91
N PHE A 113 -1.53 14.53 -0.37
CA PHE A 113 -1.18 15.54 -1.36
C PHE A 113 -1.87 16.86 -1.14
N LEU A 114 -3.16 16.80 -0.82
CA LEU A 114 -3.90 18.00 -0.56
C LEU A 114 -3.33 18.57 0.74
N ALA A 115 -3.31 17.84 1.84
CA ALA A 115 -2.80 18.35 3.11
C ALA A 115 -1.42 18.99 2.97
N LYS A 116 -0.49 18.50 2.18
CA LYS A 116 0.85 19.07 2.21
C LYS A 116 1.14 20.03 1.05
N ASN A 117 0.23 20.18 0.05
CA ASN A 117 0.52 20.94 -1.17
C ASN A 117 -0.52 21.96 -1.59
N THR A 118 -1.47 22.09 -0.68
CA THR A 118 -2.62 22.92 -0.88
C THR A 118 -3.09 23.53 0.43
N SER A 119 -4.05 24.44 0.26
CA SER A 119 -4.69 25.20 1.31
C SER A 119 -5.92 24.53 1.94
N VAL A 120 -6.25 23.26 1.62
CA VAL A 120 -7.43 22.61 2.14
C VAL A 120 -7.18 22.32 3.59
N LYS A 121 -8.25 22.57 4.33
CA LYS A 121 -8.22 22.42 5.76
C LYS A 121 -9.38 21.57 6.20
N ARG A 122 -10.24 21.29 5.23
CA ARG A 122 -11.53 20.71 5.45
C ARG A 122 -12.10 19.93 4.28
N VAL A 123 -12.69 18.80 4.61
CA VAL A 123 -13.34 17.98 3.62
C VAL A 123 -14.71 17.68 4.19
N TRP A 124 -15.72 18.03 3.41
CA TRP A 124 -17.12 17.78 3.73
C TRP A 124 -17.51 16.34 3.30
N VAL A 125 -18.16 15.48 4.13
CA VAL A 125 -18.55 14.13 3.75
C VAL A 125 -20.00 13.96 4.13
N SER A 126 -20.79 13.07 3.54
CA SER A 126 -22.20 13.02 3.86
C SER A 126 -22.46 12.49 5.24
N ASN A 127 -23.68 12.68 5.71
CA ASN A 127 -24.12 12.08 6.94
C ASN A 127 -25.28 11.21 6.42
N PRO A 128 -25.15 9.85 6.48
CA PRO A 128 -23.94 9.14 6.88
C PRO A 128 -23.07 8.82 5.69
N SER A 129 -21.93 8.22 6.03
CA SER A 129 -21.02 7.77 4.99
C SER A 129 -20.26 6.55 5.51
N TRP A 130 -19.35 6.03 4.72
CA TRP A 130 -18.47 4.95 5.12
C TRP A 130 -17.60 5.51 6.25
N PRO A 131 -17.70 4.92 7.44
CA PRO A 131 -16.89 5.33 8.58
C PRO A 131 -15.40 5.51 8.36
N ASN A 132 -14.74 4.71 7.54
CA ASN A 132 -13.29 4.89 7.35
C ASN A 132 -12.94 6.15 6.57
N HIS A 133 -13.90 6.97 6.18
CA HIS A 133 -13.58 8.23 5.49
C HIS A 133 -13.00 9.32 6.44
N LYS A 134 -13.70 9.53 7.58
CA LYS A 134 -13.32 10.47 8.62
C LYS A 134 -11.88 10.21 8.99
N SER A 135 -11.52 8.93 9.14
CA SER A 135 -10.17 8.56 9.49
C SER A 135 -9.14 8.72 8.40
N VAL A 136 -9.32 8.44 7.08
CA VAL A 136 -8.19 8.64 6.15
C VAL A 136 -7.90 10.12 6.08
N PHE A 137 -8.93 10.98 6.07
CA PHE A 137 -8.72 12.43 6.12
C PHE A 137 -8.18 12.87 7.47
N ASN A 138 -8.65 12.34 8.62
CA ASN A 138 -8.10 12.80 9.88
C ASN A 138 -6.66 12.40 10.04
N SER A 139 -6.23 11.26 9.48
CA SER A 139 -4.85 10.87 9.65
C SER A 139 -3.89 11.69 8.83
N ALA A 140 -4.43 12.50 7.92
CA ALA A 140 -3.61 13.39 7.13
C ALA A 140 -3.62 14.79 7.72
N GLY A 141 -4.42 15.02 8.80
CA GLY A 141 -4.54 16.32 9.48
C GLY A 141 -5.52 17.29 8.82
N LEU A 142 -6.71 16.82 8.44
CA LEU A 142 -7.76 17.61 7.79
C LEU A 142 -9.03 17.58 8.63
N GLU A 143 -9.81 18.66 8.63
CA GLU A 143 -11.03 18.72 9.42
C GLU A 143 -12.11 18.11 8.57
N VAL A 144 -12.86 17.13 9.07
CA VAL A 144 -13.94 16.64 8.24
C VAL A 144 -15.24 17.10 8.87
N ARG A 145 -16.00 17.69 7.99
CA ARG A 145 -17.29 18.22 8.30
C ARG A 145 -18.36 17.39 7.55
N GLU A 146 -19.57 17.25 8.07
CA GLU A 146 -20.69 16.51 7.49
C GLU A 146 -21.86 17.34 6.98
N TYR A 147 -22.28 17.07 5.76
CA TYR A 147 -23.46 17.68 5.22
C TYR A 147 -24.63 16.71 5.35
N ALA A 148 -25.84 17.20 5.23
CA ALA A 148 -26.98 16.32 5.33
C ALA A 148 -27.17 15.58 4.02
N TYR A 149 -27.97 14.50 4.10
CA TYR A 149 -28.15 13.70 2.93
C TYR A 149 -29.39 12.84 2.96
N TYR A 150 -29.54 12.08 4.05
CA TYR A 150 -30.58 11.09 4.10
C TYR A 150 -31.69 11.47 5.07
N ASP A 151 -32.91 11.08 4.65
CA ASP A 151 -34.13 11.37 5.36
C ASP A 151 -34.62 10.11 6.07
N ALA A 152 -34.45 9.91 7.39
CA ALA A 152 -34.86 8.68 8.09
C ALA A 152 -36.34 8.41 8.11
N GLU A 153 -37.09 9.50 7.91
CA GLU A 153 -38.55 9.46 7.81
C GLU A 153 -38.99 8.89 6.47
N ASN A 154 -38.51 9.47 5.36
CA ASN A 154 -38.91 9.10 3.99
C ASN A 154 -38.04 8.16 3.14
N HIS A 155 -36.92 7.79 3.76
CA HIS A 155 -35.91 6.93 3.17
C HIS A 155 -35.51 7.40 1.76
N THR A 156 -34.92 8.59 1.75
CA THR A 156 -34.49 9.27 0.53
C THR A 156 -33.35 10.27 0.76
N LEU A 157 -32.98 10.92 -0.35
CA LEU A 157 -31.91 11.93 -0.39
C LEU A 157 -32.62 13.23 -0.07
N ASP A 158 -32.62 13.98 1.07
CA ASP A 158 -33.32 15.26 0.95
C ASP A 158 -32.25 16.29 0.76
N PHE A 159 -32.57 16.65 -0.48
CA PHE A 159 -31.70 17.47 -1.27
C PHE A 159 -31.57 18.82 -0.70
N ASP A 160 -32.74 19.33 -0.25
CA ASP A 160 -32.87 20.66 0.35
C ASP A 160 -31.91 20.73 1.51
N ALA A 161 -32.02 19.87 2.53
CA ALA A 161 -31.07 19.89 3.64
C ALA A 161 -29.64 19.58 3.23
N LEU A 162 -29.41 18.84 2.13
CA LEU A 162 -28.07 18.57 1.71
C LEU A 162 -27.51 19.88 1.20
N ILE A 163 -28.27 20.66 0.46
CA ILE A 163 -27.71 21.84 -0.18
C ILE A 163 -27.51 23.03 0.75
N ASN A 164 -28.37 23.06 1.78
CA ASN A 164 -28.38 24.09 2.81
C ASN A 164 -27.17 23.85 3.68
N SER A 165 -26.83 22.61 4.02
CA SER A 165 -25.66 22.37 4.85
C SER A 165 -24.42 22.63 4.06
N LEU A 166 -24.48 22.49 2.74
CA LEU A 166 -23.31 22.78 1.94
C LEU A 166 -23.27 24.24 1.62
N ASN A 167 -24.03 25.07 2.34
CA ASN A 167 -23.87 26.49 2.19
C ASN A 167 -22.85 26.95 3.24
N GLU A 168 -22.36 28.13 2.82
CA GLU A 168 -21.11 28.70 3.33
C GLU A 168 -20.17 27.58 2.88
N ALA A 169 -19.72 26.60 3.75
CA ALA A 169 -18.75 25.58 3.36
C ALA A 169 -17.74 26.26 2.40
N GLN A 170 -16.98 27.19 2.98
CA GLN A 170 -16.00 28.06 2.31
C GLN A 170 -15.35 27.60 0.99
N ALA A 171 -14.98 28.61 0.19
CA ALA A 171 -14.29 28.32 -1.05
C ALA A 171 -12.96 27.63 -0.77
N GLY A 172 -12.64 26.62 -1.60
CA GLY A 172 -11.42 25.86 -1.43
C GLY A 172 -11.55 24.76 -0.36
N ASP A 173 -12.77 24.51 0.14
CA ASP A 173 -13.06 23.31 0.91
C ASP A 173 -13.27 22.12 -0.05
N VAL A 174 -12.87 20.90 0.33
CA VAL A 174 -13.00 19.73 -0.51
C VAL A 174 -14.34 19.14 -0.25
N VAL A 175 -15.20 18.86 -1.24
CA VAL A 175 -16.42 18.13 -0.92
C VAL A 175 -16.32 16.71 -1.48
N LEU A 176 -16.57 15.72 -0.60
CA LEU A 176 -16.61 14.33 -1.10
C LEU A 176 -18.00 13.82 -1.56
N PHE A 177 -18.07 13.43 -2.83
CA PHE A 177 -19.27 12.82 -3.40
C PHE A 177 -19.01 11.35 -3.67
N HIS A 178 -19.89 10.44 -3.24
CA HIS A 178 -19.86 9.03 -3.65
C HIS A 178 -20.46 8.99 -5.06
N GLY A 179 -19.71 8.57 -6.10
CA GLY A 179 -20.15 8.53 -7.51
C GLY A 179 -21.38 7.67 -7.86
N CYS A 180 -21.56 6.54 -7.14
CA CYS A 180 -22.76 5.71 -7.19
C CYS A 180 -22.76 4.72 -6.04
N CYS A 181 -23.89 4.16 -5.62
CA CYS A 181 -23.97 3.14 -4.57
C CYS A 181 -23.41 3.66 -3.27
N HIS A 182 -24.04 4.79 -2.94
CA HIS A 182 -23.74 5.49 -1.71
C HIS A 182 -23.74 4.50 -0.57
N ASN A 183 -22.58 4.25 0.02
CA ASN A 183 -22.50 3.47 1.25
C ASN A 183 -22.63 4.46 2.43
N PRO A 184 -23.56 4.35 3.37
CA PRO A 184 -24.44 3.20 3.54
C PRO A 184 -25.86 3.24 2.98
N THR A 185 -26.36 4.31 2.37
CA THR A 185 -27.80 4.45 2.16
C THR A 185 -28.37 3.87 0.88
N GLY A 186 -27.46 3.68 -0.07
CA GLY A 186 -27.76 3.22 -1.41
C GLY A 186 -28.55 4.27 -2.16
N ILE A 187 -28.79 5.44 -1.56
CA ILE A 187 -29.52 6.52 -2.19
C ILE A 187 -28.56 7.37 -2.97
N ASP A 188 -28.83 7.66 -4.23
CA ASP A 188 -27.92 8.44 -5.06
C ASP A 188 -28.60 9.64 -5.72
N PRO A 189 -27.96 10.79 -5.97
CA PRO A 189 -28.56 11.93 -6.65
C PRO A 189 -29.04 11.53 -8.04
N THR A 190 -30.14 12.12 -8.52
CA THR A 190 -30.56 11.88 -9.89
C THR A 190 -29.64 12.67 -10.81
N LEU A 191 -29.71 12.49 -12.13
CA LEU A 191 -28.86 13.25 -13.03
C LEU A 191 -29.32 14.70 -13.04
N GLU A 192 -30.50 15.08 -12.53
CA GLU A 192 -30.84 16.47 -12.45
C GLU A 192 -30.17 17.06 -11.24
N GLN A 193 -30.26 16.33 -10.13
CA GLN A 193 -29.55 16.65 -8.92
C GLN A 193 -28.04 16.69 -9.09
N TRP A 194 -27.38 15.79 -9.86
CA TRP A 194 -25.93 15.83 -10.00
C TRP A 194 -25.57 17.08 -10.75
N GLN A 195 -26.34 17.43 -11.78
CA GLN A 195 -26.14 18.68 -12.51
C GLN A 195 -26.31 19.93 -11.65
N THR A 196 -27.21 19.88 -10.64
CA THR A 196 -27.41 20.99 -9.73
C THR A 196 -26.15 21.12 -8.90
N LEU A 197 -25.77 20.03 -8.22
CA LEU A 197 -24.57 19.98 -7.41
C LEU A 197 -23.34 20.39 -8.20
N ALA A 198 -23.29 20.15 -9.52
CA ALA A 198 -22.18 20.57 -10.35
C ALA A 198 -22.05 22.06 -10.60
N GLN A 199 -23.24 22.66 -10.82
CA GLN A 199 -23.45 24.07 -11.10
C GLN A 199 -23.08 24.82 -9.82
N LEU A 200 -23.76 24.48 -8.71
CA LEU A 200 -23.54 25.09 -7.40
C LEU A 200 -22.10 24.90 -6.98
N SER A 201 -21.50 23.77 -7.39
CA SER A 201 -20.10 23.53 -7.10
C SER A 201 -19.16 24.55 -7.74
N VAL A 202 -19.37 25.06 -8.97
CA VAL A 202 -18.44 26.07 -9.50
C VAL A 202 -18.76 27.50 -9.07
N GLU A 203 -20.03 27.75 -8.70
CA GLU A 203 -20.50 29.05 -8.19
C GLU A 203 -19.77 29.30 -6.88
N LYS A 204 -19.87 28.29 -5.99
CA LYS A 204 -19.32 28.29 -4.65
C LYS A 204 -17.80 28.17 -4.46
N GLY A 205 -17.13 27.58 -5.47
CA GLY A 205 -15.68 27.38 -5.41
C GLY A 205 -15.20 26.14 -4.61
N TRP A 206 -15.98 25.05 -4.52
CA TRP A 206 -15.58 23.83 -3.81
C TRP A 206 -14.66 22.95 -4.66
N LEU A 207 -13.82 22.08 -4.05
CA LEU A 207 -13.00 21.14 -4.80
C LEU A 207 -13.68 19.78 -4.61
N PRO A 208 -14.33 19.22 -5.63
CA PRO A 208 -15.07 17.97 -5.48
C PRO A 208 -14.13 16.77 -5.48
N LEU A 209 -14.37 15.78 -4.63
CA LEU A 209 -13.51 14.62 -4.62
C LEU A 209 -14.47 13.45 -4.70
N PHE A 210 -14.48 12.78 -5.85
CA PHE A 210 -15.35 11.62 -6.01
C PHE A 210 -14.80 10.31 -5.47
N ASP A 211 -15.53 9.67 -4.58
CA ASP A 211 -15.18 8.34 -4.15
C ASP A 211 -16.06 7.42 -4.99
N PHE A 212 -15.40 6.66 -5.84
CA PHE A 212 -16.00 5.79 -6.83
C PHE A 212 -15.69 4.35 -6.50
N ALA A 213 -16.31 3.70 -5.53
CA ALA A 213 -15.91 2.34 -5.26
C ALA A 213 -16.66 1.17 -5.97
N TYR A 214 -17.81 1.45 -6.56
CA TYR A 214 -18.69 0.42 -7.03
C TYR A 214 -19.22 0.63 -8.44
N GLN A 215 -18.40 1.19 -9.34
CA GLN A 215 -18.85 1.42 -10.70
C GLN A 215 -19.30 0.16 -11.43
N GLY A 216 -20.56 0.19 -11.83
CA GLY A 216 -21.13 -0.93 -12.54
C GLY A 216 -22.13 -1.66 -11.71
N PHE A 217 -22.27 -1.35 -10.40
CA PHE A 217 -23.21 -2.07 -9.54
C PHE A 217 -24.55 -1.39 -9.37
N ALA A 218 -24.69 -0.18 -9.99
CA ALA A 218 -25.95 0.51 -9.82
C ALA A 218 -26.79 0.18 -11.01
N ARG A 219 -26.53 0.77 -12.16
CA ARG A 219 -27.31 0.55 -13.36
C ARG A 219 -26.45 0.17 -14.62
N GLY A 220 -25.14 0.31 -14.54
CA GLY A 220 -24.28 -0.02 -15.63
C GLY A 220 -22.99 0.81 -15.62
N LEU A 221 -21.91 0.26 -16.13
CA LEU A 221 -20.61 0.90 -16.15
C LEU A 221 -20.53 2.37 -16.63
N GLU A 222 -21.30 2.87 -17.60
CA GLU A 222 -21.25 4.27 -18.03
C GLU A 222 -22.31 5.08 -17.30
N GLU A 223 -23.49 4.55 -17.08
CA GLU A 223 -24.56 5.23 -16.41
C GLU A 223 -24.14 5.54 -14.99
N ASP A 224 -23.33 4.71 -14.35
CA ASP A 224 -22.85 5.01 -13.01
C ASP A 224 -21.82 6.14 -13.01
N ALA A 225 -21.26 6.52 -14.16
CA ALA A 225 -20.38 7.68 -14.17
C ALA A 225 -21.01 8.96 -14.73
N GLU A 226 -22.31 9.04 -15.09
CA GLU A 226 -22.87 10.30 -15.63
C GLU A 226 -22.63 11.48 -14.67
N GLY A 227 -22.74 11.13 -13.37
CA GLY A 227 -22.57 12.06 -12.26
C GLY A 227 -21.22 12.68 -12.29
N LEU A 228 -20.22 11.83 -12.17
CA LEU A 228 -18.83 12.27 -12.24
C LEU A 228 -18.59 13.07 -13.47
N ARG A 229 -19.16 12.57 -14.57
CA ARG A 229 -19.04 13.22 -15.84
C ARG A 229 -19.73 14.57 -15.99
N ALA A 230 -20.80 14.84 -15.22
CA ALA A 230 -21.47 16.14 -15.25
C ALA A 230 -20.57 17.11 -14.50
N PHE A 231 -20.01 16.70 -13.36
CA PHE A 231 -19.05 17.54 -12.67
C PHE A 231 -17.81 17.74 -13.50
N ALA A 232 -17.27 16.73 -14.15
CA ALA A 232 -16.09 16.91 -14.97
C ALA A 232 -16.31 17.80 -16.18
N ALA A 233 -17.56 18.02 -16.58
CA ALA A 233 -17.84 18.91 -17.70
C ALA A 233 -17.62 20.37 -17.35
N MET A 234 -18.05 20.67 -16.12
CA MET A 234 -18.03 22.00 -15.60
C MET A 234 -16.82 22.36 -14.78
N HIS A 235 -16.02 21.41 -14.26
CA HIS A 235 -14.85 21.79 -13.50
C HIS A 235 -13.53 21.77 -14.29
N LYS A 236 -12.63 22.52 -13.68
CA LYS A 236 -11.25 22.63 -14.14
C LYS A 236 -10.43 21.58 -13.38
N GLU A 237 -10.78 21.41 -12.11
CA GLU A 237 -10.05 20.58 -11.19
C GLU A 237 -11.06 19.73 -10.45
N LEU A 238 -10.57 18.52 -10.16
CA LEU A 238 -11.38 17.43 -9.69
C LEU A 238 -10.37 16.34 -9.33
N ILE A 239 -10.77 15.48 -8.38
CA ILE A 239 -10.01 14.32 -7.92
C ILE A 239 -10.98 13.16 -7.77
N VAL A 240 -10.62 12.05 -8.40
CA VAL A 240 -11.40 10.82 -8.34
C VAL A 240 -10.55 9.74 -7.67
N ALA A 241 -11.11 9.03 -6.73
CA ALA A 241 -10.49 7.91 -6.10
C ALA A 241 -11.47 6.73 -6.39
N SER A 242 -11.03 5.76 -7.22
CA SER A 242 -11.82 4.58 -7.58
C SER A 242 -11.08 3.34 -7.17
N SER A 243 -11.87 2.27 -7.04
CA SER A 243 -11.47 0.97 -6.53
C SER A 243 -11.98 -0.11 -7.45
N TYR A 244 -11.15 -1.12 -7.80
CA TYR A 244 -11.56 -2.26 -8.60
C TYR A 244 -11.82 -3.39 -7.67
N SER A 245 -11.92 -3.13 -6.38
CA SER A 245 -12.16 -4.20 -5.45
C SER A 245 -13.52 -4.82 -5.59
N HIS A 246 -14.64 -4.14 -5.88
CA HIS A 246 -15.91 -4.85 -5.95
C HIS A 246 -16.24 -5.35 -7.32
N ASN A 247 -16.12 -4.50 -8.35
CA ASN A 247 -16.45 -4.96 -9.68
C ASN A 247 -15.46 -5.92 -10.27
N PHE A 248 -14.25 -6.16 -9.77
CA PHE A 248 -13.42 -7.18 -10.33
C PHE A 248 -13.27 -8.35 -9.37
N GLY A 249 -13.94 -8.32 -8.20
CA GLY A 249 -13.73 -9.28 -7.14
C GLY A 249 -12.24 -9.43 -6.83
N LEU A 250 -11.52 -8.32 -6.77
CA LEU A 250 -10.09 -8.28 -6.59
C LEU A 250 -9.78 -7.63 -5.25
N TYR A 251 -10.75 -7.76 -4.28
CA TYR A 251 -10.67 -7.26 -2.91
C TYR A 251 -9.28 -7.38 -2.32
N ASN A 252 -8.60 -8.50 -2.14
CA ASN A 252 -7.37 -8.52 -1.35
C ASN A 252 -6.13 -8.31 -2.17
N GLU A 253 -6.23 -7.85 -3.44
CA GLU A 253 -5.01 -7.63 -4.19
C GLU A 253 -4.72 -6.13 -4.17
N ARG A 254 -5.65 -5.33 -3.57
CA ARG A 254 -5.55 -3.87 -3.41
C ARG A 254 -5.43 -3.11 -4.71
N VAL A 255 -6.56 -2.93 -5.38
CA VAL A 255 -6.47 -2.30 -6.68
C VAL A 255 -7.35 -1.08 -6.70
N GLY A 256 -6.80 0.05 -7.08
CA GLY A 256 -7.52 1.31 -7.06
C GLY A 256 -6.72 2.41 -7.71
N ALA A 257 -7.31 3.59 -7.95
CA ALA A 257 -6.60 4.67 -8.59
C ALA A 257 -6.99 6.02 -8.05
N CYS A 258 -6.03 6.93 -8.18
CA CYS A 258 -6.22 8.28 -7.76
C CYS A 258 -5.97 9.08 -9.02
N THR A 259 -7.07 9.56 -9.60
CA THR A 259 -6.97 10.43 -10.75
C THR A 259 -7.08 11.90 -10.29
N LEU A 260 -6.34 12.77 -10.95
CA LEU A 260 -6.16 14.19 -10.66
C LEU A 260 -6.55 14.93 -11.96
N VAL A 261 -7.58 15.76 -12.11
CA VAL A 261 -7.70 16.46 -13.36
C VAL A 261 -7.52 17.89 -12.92
N ALA A 262 -6.62 18.57 -13.66
CA ALA A 262 -6.18 19.97 -13.49
C ALA A 262 -6.56 20.79 -14.71
N ALA A 263 -6.56 22.13 -14.68
CA ALA A 263 -7.08 22.94 -15.81
C ALA A 263 -6.47 22.77 -17.20
N ASP A 264 -5.27 22.23 -17.15
CA ASP A 264 -4.48 21.98 -18.32
C ASP A 264 -3.33 21.04 -17.95
N SER A 265 -2.72 20.62 -19.05
CA SER A 265 -1.62 19.72 -18.98
C SER A 265 -0.51 20.01 -18.01
N GLU A 266 0.11 21.21 -18.20
CA GLU A 266 1.27 21.59 -17.40
C GLU A 266 1.03 21.59 -15.88
N THR A 267 -0.18 21.98 -15.49
CA THR A 267 -0.55 22.00 -14.09
C THR A 267 -0.80 20.61 -13.59
N VAL A 268 -1.41 19.68 -14.39
CA VAL A 268 -1.63 18.31 -13.91
C VAL A 268 -0.29 17.67 -13.79
N ASP A 269 0.66 18.05 -14.63
CA ASP A 269 1.96 17.47 -14.46
C ASP A 269 2.68 18.03 -13.23
N ARG A 270 2.59 19.33 -12.94
CA ARG A 270 3.28 19.91 -11.79
C ARG A 270 2.71 19.37 -10.49
N ALA A 271 1.39 19.35 -10.42
CA ALA A 271 0.64 18.82 -9.30
C ALA A 271 0.85 17.31 -9.09
N PHE A 272 0.91 16.51 -10.16
CA PHE A 272 1.06 15.06 -10.08
C PHE A 272 2.42 14.62 -9.59
N SER A 273 3.46 15.42 -9.83
CA SER A 273 4.77 15.09 -9.33
C SER A 273 4.70 15.21 -7.82
N GLN A 274 3.98 16.19 -7.25
CA GLN A 274 3.86 16.24 -5.79
C GLN A 274 2.98 15.12 -5.32
N MET A 275 2.03 14.62 -6.14
CA MET A 275 1.28 13.43 -5.79
C MET A 275 2.24 12.26 -5.81
N LYS A 276 3.17 12.21 -6.76
CA LYS A 276 4.10 11.12 -6.80
C LYS A 276 4.96 11.10 -5.58
N ALA A 277 5.40 12.26 -5.18
CA ALA A 277 6.18 12.42 -3.95
C ALA A 277 5.44 11.93 -2.73
N ALA A 278 4.09 12.12 -2.64
CA ALA A 278 3.25 11.63 -1.53
C ALA A 278 3.28 10.13 -1.30
N ILE A 279 3.32 9.41 -2.45
CA ILE A 279 3.34 7.96 -2.65
C ILE A 279 4.69 7.40 -2.27
N ARG A 280 5.70 8.05 -2.85
CA ARG A 280 7.10 7.75 -2.68
C ARG A 280 7.51 7.72 -1.22
N ALA A 281 6.78 8.37 -0.33
CA ALA A 281 7.03 8.30 1.10
C ALA A 281 6.02 7.52 1.88
N ASN A 282 5.06 6.96 1.14
CA ASN A 282 4.06 6.14 1.79
C ASN A 282 4.51 4.70 1.53
N TYR A 283 4.27 4.10 0.37
CA TYR A 283 4.57 2.70 0.13
C TYR A 283 5.52 2.53 -1.04
N SER A 284 5.99 3.62 -1.59
CA SER A 284 7.02 3.75 -2.58
C SER A 284 6.57 3.57 -3.98
N ASN A 285 5.88 2.52 -4.37
CA ASN A 285 5.34 2.24 -5.74
C ASN A 285 4.24 1.19 -5.56
N PRO A 286 3.26 0.98 -6.45
CA PRO A 286 2.08 0.15 -6.15
C PRO A 286 2.14 -1.38 -6.38
N PRO A 287 1.33 -2.26 -5.80
CA PRO A 287 1.29 -3.69 -6.10
C PRO A 287 0.73 -4.09 -7.48
N ALA A 288 1.71 -4.57 -8.27
CA ALA A 288 1.53 -5.03 -9.64
C ALA A 288 0.51 -6.09 -9.95
N HIS A 289 0.35 -7.14 -9.13
CA HIS A 289 -0.55 -8.22 -9.51
C HIS A 289 -1.97 -7.82 -9.87
N GLY A 290 -2.80 -7.39 -8.93
CA GLY A 290 -4.18 -7.01 -9.23
C GLY A 290 -4.28 -6.02 -10.37
N ALA A 291 -3.50 -4.94 -10.46
CA ALA A 291 -3.67 -4.01 -11.56
C ALA A 291 -3.09 -4.53 -12.86
N SER A 292 -2.32 -5.63 -12.86
CA SER A 292 -1.93 -6.26 -14.14
C SER A 292 -3.13 -7.03 -14.63
N VAL A 293 -3.81 -7.69 -13.67
CA VAL A 293 -5.01 -8.43 -14.02
C VAL A 293 -6.01 -7.39 -14.54
N VAL A 294 -6.30 -6.24 -13.88
CA VAL A 294 -7.27 -5.31 -14.44
C VAL A 294 -6.84 -4.70 -15.74
N ALA A 295 -5.54 -4.48 -16.04
CA ALA A 295 -5.20 -3.91 -17.35
C ALA A 295 -5.34 -4.94 -18.44
N THR A 296 -4.96 -6.21 -18.18
CA THR A 296 -5.06 -7.29 -19.16
C THR A 296 -6.53 -7.57 -19.51
N ILE A 297 -7.47 -7.68 -18.56
CA ILE A 297 -8.88 -7.83 -18.84
C ILE A 297 -9.39 -6.68 -19.69
N LEU A 298 -9.31 -5.45 -19.18
CA LEU A 298 -9.84 -4.29 -19.86
C LEU A 298 -9.24 -4.02 -21.23
N SER A 299 -8.03 -4.51 -21.47
CA SER A 299 -7.49 -4.29 -22.79
C SER A 299 -7.84 -5.45 -23.71
N ASN A 300 -8.29 -6.68 -23.31
CA ASN A 300 -8.52 -7.75 -24.28
C ASN A 300 -9.98 -7.97 -24.38
N ASP A 301 -10.50 -7.50 -25.53
CA ASP A 301 -11.91 -7.53 -25.91
C ASP A 301 -12.69 -8.78 -25.64
N ALA A 302 -12.00 -9.92 -25.55
CA ALA A 302 -12.59 -11.19 -25.20
C ALA A 302 -12.74 -11.33 -23.71
N LEU A 303 -11.66 -11.03 -22.99
CA LEU A 303 -11.72 -11.09 -21.53
C LEU A 303 -12.56 -9.95 -20.96
N ARG A 304 -12.51 -8.76 -21.54
CA ARG A 304 -13.33 -7.67 -21.13
C ARG A 304 -14.81 -8.05 -21.28
N ALA A 305 -15.11 -8.84 -22.33
CA ALA A 305 -16.43 -9.37 -22.65
C ALA A 305 -16.97 -10.25 -21.58
N ILE A 306 -16.10 -11.15 -21.16
CA ILE A 306 -16.54 -12.08 -20.17
C ILE A 306 -16.74 -11.28 -18.90
N TRP A 307 -15.72 -10.48 -18.50
CA TRP A 307 -15.77 -9.65 -17.32
C TRP A 307 -17.06 -8.84 -17.28
N GLU A 308 -17.42 -8.07 -18.29
CA GLU A 308 -18.66 -7.35 -18.25
C GLU A 308 -19.87 -8.21 -17.94
N GLN A 309 -19.95 -9.46 -18.45
CA GLN A 309 -21.07 -10.31 -18.10
C GLN A 309 -21.07 -10.71 -16.66
N GLU A 310 -19.85 -10.94 -16.16
CA GLU A 310 -19.68 -11.28 -14.75
C GLU A 310 -20.13 -10.08 -13.90
N LEU A 311 -19.83 -8.84 -14.30
CA LEU A 311 -20.28 -7.72 -13.53
C LEU A 311 -21.79 -7.63 -13.59
N THR A 312 -22.36 -7.87 -14.78
CA THR A 312 -23.80 -7.80 -15.01
C THR A 312 -24.51 -8.84 -14.18
N ASP A 313 -23.88 -9.98 -13.99
CA ASP A 313 -24.56 -11.00 -13.23
C ASP A 313 -24.62 -10.62 -11.78
N MET A 314 -23.54 -9.99 -11.29
CA MET A 314 -23.48 -9.60 -9.88
C MET A 314 -24.50 -8.48 -9.73
N ARG A 315 -24.55 -7.53 -10.66
CA ARG A 315 -25.57 -6.52 -10.59
C ARG A 315 -26.97 -7.11 -10.56
N GLN A 316 -27.37 -7.97 -11.49
CA GLN A 316 -28.70 -8.51 -11.46
C GLN A 316 -28.99 -9.41 -10.31
N ARG A 317 -28.00 -10.05 -9.73
CA ARG A 317 -28.24 -10.85 -8.55
C ARG A 317 -28.66 -9.90 -7.44
N ILE A 318 -27.98 -8.76 -7.27
CA ILE A 318 -28.30 -7.82 -6.21
C ILE A 318 -29.68 -7.26 -6.52
N GLN A 319 -29.95 -6.75 -7.72
CA GLN A 319 -31.30 -6.31 -8.07
C GLN A 319 -32.36 -7.40 -7.78
N ARG A 320 -32.13 -8.71 -8.07
CA ARG A 320 -33.05 -9.81 -7.80
C ARG A 320 -33.45 -9.88 -6.32
N MET A 321 -32.44 -9.79 -5.44
CA MET A 321 -32.55 -9.91 -3.99
C MET A 321 -33.25 -8.73 -3.35
N ARG A 322 -33.12 -7.51 -3.90
CA ARG A 322 -33.82 -6.35 -3.38
C ARG A 322 -35.28 -6.61 -3.65
N GLN A 323 -35.67 -7.04 -4.87
CA GLN A 323 -37.07 -7.35 -5.16
C GLN A 323 -37.66 -8.41 -4.28
N LEU A 324 -36.94 -9.51 -4.15
CA LEU A 324 -37.44 -10.66 -3.42
C LEU A 324 -37.40 -10.40 -1.93
N PHE A 325 -36.53 -9.49 -1.44
CA PHE A 325 -36.52 -9.14 -0.01
C PHE A 325 -37.76 -8.30 0.33
N VAL A 326 -38.16 -7.30 -0.47
CA VAL A 326 -39.36 -6.59 -0.07
C VAL A 326 -40.54 -7.55 -0.28
N ASN A 327 -40.62 -8.44 -1.31
CA ASN A 327 -41.71 -9.41 -1.50
C ASN A 327 -41.89 -10.40 -0.39
N THR A 328 -40.80 -11.13 -0.09
CA THR A 328 -40.81 -12.12 0.98
C THR A 328 -41.16 -11.43 2.28
N LEU A 329 -40.80 -10.15 2.44
CA LEU A 329 -41.15 -9.44 3.66
C LEU A 329 -42.63 -9.18 3.63
N GLN A 330 -43.22 -8.67 2.55
CA GLN A 330 -44.66 -8.39 2.49
C GLN A 330 -45.51 -9.62 2.79
N GLU A 331 -45.11 -10.74 2.20
CA GLU A 331 -45.70 -12.05 2.41
C GLU A 331 -45.59 -12.59 3.83
N LYS A 332 -44.42 -12.48 4.48
CA LYS A 332 -44.24 -13.03 5.83
C LYS A 332 -44.99 -12.28 6.91
N GLY A 333 -45.63 -11.18 6.50
CA GLY A 333 -46.46 -10.41 7.41
C GLY A 333 -45.88 -9.05 7.74
N ALA A 334 -44.87 -8.55 6.99
CA ALA A 334 -44.34 -7.21 7.25
C ALA A 334 -45.34 -6.07 7.15
N ASN A 335 -45.39 -5.70 8.41
CA ASN A 335 -46.08 -4.58 9.03
C ASN A 335 -45.75 -3.21 8.41
N ARG A 336 -44.60 -3.09 7.72
CA ARG A 336 -44.13 -1.84 7.18
C ARG A 336 -43.93 -1.99 5.70
N ASP A 337 -44.03 -0.86 5.01
CA ASP A 337 -43.73 -0.81 3.60
C ASP A 337 -42.23 -0.66 3.53
N PHE A 338 -41.63 -1.66 2.87
CA PHE A 338 -40.20 -1.65 2.62
C PHE A 338 -39.93 -1.44 1.15
N SER A 339 -40.85 -0.86 0.37
CA SER A 339 -40.61 -0.75 -1.04
C SER A 339 -39.40 0.08 -1.39
N PHE A 340 -39.00 0.99 -0.51
CA PHE A 340 -37.89 1.87 -0.80
C PHE A 340 -36.60 1.09 -1.04
N ILE A 341 -36.48 -0.16 -0.51
CA ILE A 341 -35.36 -1.04 -0.73
C ILE A 341 -35.06 -1.19 -2.22
N ILE A 342 -36.07 -1.05 -3.09
CA ILE A 342 -35.90 -1.22 -4.52
C ILE A 342 -35.43 0.01 -5.29
N LYS A 343 -35.58 1.16 -4.66
CA LYS A 343 -35.18 2.42 -5.25
C LYS A 343 -33.67 2.63 -5.23
N GLN A 344 -33.06 1.95 -4.22
CA GLN A 344 -31.66 2.10 -3.86
C GLN A 344 -30.65 1.29 -4.66
N ASN A 345 -29.33 1.51 -4.53
CA ASN A 345 -28.38 0.86 -5.41
C ASN A 345 -27.23 0.14 -4.79
N GLY A 346 -26.71 -0.82 -5.57
CA GLY A 346 -25.51 -1.54 -5.19
C GLY A 346 -25.75 -2.45 -4.02
N MET A 347 -24.73 -2.83 -3.26
CA MET A 347 -24.97 -3.82 -2.22
C MET A 347 -25.64 -3.48 -0.91
N PHE A 348 -25.69 -2.19 -0.54
CA PHE A 348 -26.20 -1.79 0.78
C PHE A 348 -27.49 -0.97 0.79
N SER A 349 -28.15 -1.07 1.95
CA SER A 349 -29.35 -0.35 2.30
C SER A 349 -29.49 -0.22 3.76
N PHE A 350 -30.02 0.91 4.24
CA PHE A 350 -30.36 1.02 5.63
C PHE A 350 -31.70 0.33 5.79
N SER A 351 -31.80 -0.81 6.48
CA SER A 351 -33.10 -1.44 6.60
C SER A 351 -34.20 -0.61 7.30
N GLY A 352 -33.90 0.49 8.02
CA GLY A 352 -34.92 1.21 8.80
C GLY A 352 -35.24 0.48 10.11
N LEU A 353 -34.18 0.06 10.77
CA LEU A 353 -34.28 -0.70 11.99
C LEU A 353 -33.50 0.03 13.07
N THR A 354 -33.95 -0.16 14.29
CA THR A 354 -33.42 0.46 15.49
C THR A 354 -32.13 -0.21 15.95
N LYS A 355 -31.24 0.43 16.71
CA LYS A 355 -30.07 -0.22 17.28
C LYS A 355 -30.58 -1.41 18.09
N GLU A 356 -31.72 -1.23 18.75
CA GLU A 356 -32.27 -2.24 19.63
C GLU A 356 -32.99 -3.29 18.83
N GLN A 357 -33.37 -3.02 17.58
CA GLN A 357 -33.93 -4.07 16.73
C GLN A 357 -32.77 -4.87 16.17
N VAL A 358 -31.67 -4.21 15.82
CA VAL A 358 -30.50 -4.89 15.31
C VAL A 358 -29.86 -5.81 16.36
N LEU A 359 -29.96 -5.48 17.64
CA LEU A 359 -29.46 -6.37 18.67
C LEU A 359 -30.47 -7.45 18.87
N ARG A 360 -31.78 -7.27 18.69
CA ARG A 360 -32.72 -8.39 18.82
C ARG A 360 -32.38 -9.39 17.75
N LEU A 361 -32.21 -8.90 16.51
CA LEU A 361 -31.81 -9.76 15.44
C LEU A 361 -30.54 -10.53 15.78
N ARG A 362 -29.41 -9.95 16.21
CA ARG A 362 -28.26 -10.74 16.59
C ARG A 362 -28.54 -11.67 17.76
N GLU A 363 -28.98 -11.19 18.94
CA GLU A 363 -29.11 -12.01 20.15
C GLU A 363 -30.06 -13.21 20.02
N GLU A 364 -31.24 -12.99 19.43
CA GLU A 364 -32.28 -14.01 19.27
C GLU A 364 -32.18 -14.92 18.04
N PHE A 365 -31.86 -14.25 16.93
CA PHE A 365 -31.85 -14.85 15.61
C PHE A 365 -30.42 -14.94 15.17
N GLY A 366 -30.18 -15.40 13.97
CA GLY A 366 -28.80 -15.42 13.58
C GLY A 366 -28.48 -14.15 12.87
N VAL A 367 -29.39 -13.17 12.74
CA VAL A 367 -29.15 -12.08 11.82
C VAL A 367 -28.12 -11.08 12.30
N TYR A 368 -27.10 -10.93 11.48
CA TYR A 368 -26.10 -9.96 11.80
C TYR A 368 -26.08 -8.80 10.84
N ALA A 369 -26.48 -7.63 11.38
CA ALA A 369 -26.37 -6.38 10.63
C ALA A 369 -25.44 -5.43 11.39
N VAL A 370 -24.96 -4.36 10.72
CA VAL A 370 -24.13 -3.27 11.29
C VAL A 370 -25.07 -2.47 12.18
N ALA A 371 -24.71 -1.91 13.36
CA ALA A 371 -25.69 -1.21 14.24
C ALA A 371 -26.45 -0.05 13.60
N SER A 372 -25.92 0.51 12.48
CA SER A 372 -26.66 1.52 11.72
C SER A 372 -27.89 0.99 10.97
N GLY A 373 -28.11 -0.34 10.95
CA GLY A 373 -29.22 -0.94 10.21
C GLY A 373 -28.80 -1.26 8.79
N ARG A 374 -27.51 -1.02 8.40
CA ARG A 374 -27.04 -1.33 7.08
C ARG A 374 -27.07 -2.85 6.90
N VAL A 375 -27.67 -3.28 5.81
CA VAL A 375 -27.69 -4.67 5.48
C VAL A 375 -27.09 -4.71 4.09
N ASN A 376 -26.32 -5.76 3.91
CA ASN A 376 -25.73 -6.06 2.64
C ASN A 376 -26.61 -7.07 1.93
N VAL A 377 -27.26 -6.57 0.92
CA VAL A 377 -28.15 -7.35 0.10
C VAL A 377 -27.47 -8.52 -0.61
N ALA A 378 -26.16 -8.40 -0.94
CA ALA A 378 -25.41 -9.53 -1.52
C ALA A 378 -25.33 -10.72 -0.58
N GLY A 379 -25.57 -10.55 0.70
CA GLY A 379 -25.52 -11.61 1.68
C GLY A 379 -26.84 -12.34 1.74
N MET A 380 -27.84 -11.92 0.96
CA MET A 380 -29.11 -12.66 1.00
C MET A 380 -29.14 -13.55 -0.20
N THR A 381 -29.55 -14.78 0.06
CA THR A 381 -29.68 -15.80 -0.97
C THR A 381 -31.12 -16.21 -0.99
N PRO A 382 -31.66 -16.70 -2.11
CA PRO A 382 -33.03 -17.19 -2.20
C PRO A 382 -33.34 -18.21 -1.13
N ASP A 383 -32.25 -18.87 -0.69
CA ASP A 383 -32.31 -19.85 0.37
C ASP A 383 -32.49 -19.26 1.77
N ASN A 384 -31.70 -18.24 2.17
CA ASN A 384 -31.91 -17.62 3.49
C ASN A 384 -32.94 -16.51 3.52
N MET A 385 -33.43 -16.10 2.36
CA MET A 385 -34.48 -15.12 2.29
C MET A 385 -35.64 -15.35 3.26
N ALA A 386 -36.30 -16.53 3.36
CA ALA A 386 -37.41 -16.69 4.31
C ALA A 386 -37.02 -16.68 5.79
N PRO A 387 -36.10 -17.45 6.40
CA PRO A 387 -35.70 -17.29 7.82
C PRO A 387 -35.31 -15.86 8.24
N LEU A 388 -34.61 -15.13 7.36
CA LEU A 388 -34.18 -13.76 7.60
C LEU A 388 -35.39 -12.86 7.74
N CYS A 389 -36.27 -12.85 6.72
CA CYS A 389 -37.46 -12.06 6.80
C CYS A 389 -38.32 -12.46 7.96
N GLU A 390 -38.31 -13.72 8.38
CA GLU A 390 -39.13 -14.09 9.52
C GLU A 390 -38.63 -13.45 10.80
N ALA A 391 -37.31 -13.29 10.94
CA ALA A 391 -36.66 -12.60 12.06
C ALA A 391 -36.92 -11.09 12.00
N ILE A 392 -36.69 -10.44 10.83
CA ILE A 392 -36.99 -9.02 10.65
C ILE A 392 -38.44 -8.83 11.06
N VAL A 393 -39.40 -9.65 10.60
CA VAL A 393 -40.81 -9.47 10.94
C VAL A 393 -41.11 -9.66 12.42
N ALA A 394 -40.30 -10.50 13.08
CA ALA A 394 -40.50 -10.73 14.51
C ALA A 394 -40.11 -9.58 15.43
N VAL A 395 -39.23 -8.72 14.91
CA VAL A 395 -38.75 -7.59 15.68
C VAL A 395 -39.42 -6.30 15.25
N LEU A 396 -40.12 -6.25 14.10
CA LEU A 396 -40.80 -5.03 13.67
C LEU A 396 -41.82 -4.40 14.61
N MET B 1 -7.00 25.55 -7.38
CA MET B 1 -6.29 25.06 -6.20
C MET B 1 -4.88 24.56 -6.49
N PHE B 2 -4.72 24.05 -7.72
CA PHE B 2 -3.48 23.42 -8.12
C PHE B 2 -2.65 24.37 -8.96
N GLU B 3 -3.16 25.59 -9.18
CA GLU B 3 -2.51 26.56 -10.06
C GLU B 3 -1.03 26.87 -9.81
N ASN B 4 -0.77 26.91 -8.52
CA ASN B 4 0.47 27.44 -8.05
C ASN B 4 1.19 26.41 -7.19
N ILE B 5 0.99 25.14 -7.53
CA ILE B 5 1.70 24.03 -6.89
C ILE B 5 3.04 23.97 -7.61
N THR B 6 4.12 23.93 -6.82
CA THR B 6 5.47 23.86 -7.38
C THR B 6 5.90 22.42 -7.59
N ALA B 7 6.68 22.26 -8.62
CA ALA B 7 7.20 20.98 -9.05
C ALA B 7 7.77 19.85 -8.23
N ALA B 8 8.09 19.83 -6.93
CA ALA B 8 8.73 18.66 -6.30
C ALA B 8 10.04 18.14 -6.89
N PRO B 9 11.14 18.11 -6.12
CA PRO B 9 12.48 17.80 -6.62
C PRO B 9 12.63 16.37 -7.15
N ALA B 10 13.45 16.09 -8.18
CA ALA B 10 13.62 14.72 -8.67
C ALA B 10 14.29 13.83 -7.61
N ASP B 11 13.81 12.58 -7.49
CA ASP B 11 14.33 11.67 -6.49
C ASP B 11 15.77 11.37 -6.88
N PRO B 12 16.71 11.37 -5.92
CA PRO B 12 18.12 11.02 -6.13
C PRO B 12 18.38 9.71 -6.83
N ILE B 13 17.67 8.65 -6.39
CA ILE B 13 17.81 7.33 -6.97
C ILE B 13 17.00 7.21 -8.26
N LEU B 14 15.69 7.43 -8.17
CA LEU B 14 14.78 7.22 -9.28
C LEU B 14 14.99 7.98 -10.56
N GLY B 15 15.35 9.25 -10.45
CA GLY B 15 15.44 10.10 -11.63
C GLY B 15 16.60 9.82 -12.56
N LEU B 16 17.61 9.15 -12.01
CA LEU B 16 18.79 8.85 -12.79
C LEU B 16 18.47 7.81 -13.88
N ALA B 17 17.47 6.98 -13.53
CA ALA B 17 16.96 5.95 -14.40
C ALA B 17 16.53 6.52 -15.75
N ASP B 18 15.73 7.59 -15.68
CA ASP B 18 15.27 8.23 -16.89
C ASP B 18 16.37 8.72 -17.80
N LEU B 19 17.34 9.35 -17.16
CA LEU B 19 18.54 9.87 -17.82
C LEU B 19 19.37 8.85 -18.59
N PHE B 20 19.32 7.66 -17.99
CA PHE B 20 20.01 6.51 -18.53
C PHE B 20 19.30 6.03 -19.76
N ARG B 21 18.07 5.60 -19.52
CA ARG B 21 17.20 5.01 -20.53
C ARG B 21 17.23 5.84 -21.80
N ALA B 22 16.88 7.08 -21.52
CA ALA B 22 16.89 8.15 -22.49
C ALA B 22 18.23 8.62 -23.07
N ASP B 23 19.43 8.24 -22.61
CA ASP B 23 20.62 8.81 -23.20
C ASP B 23 20.99 8.16 -24.51
N GLU B 24 20.43 6.96 -24.73
CA GLU B 24 20.65 6.11 -25.90
C GLU B 24 21.99 6.14 -26.66
N ARG B 25 22.96 5.88 -25.78
CA ARG B 25 24.34 5.66 -26.15
C ARG B 25 24.52 4.15 -26.33
N PRO B 26 25.57 3.71 -27.01
CA PRO B 26 26.09 2.33 -27.00
C PRO B 26 26.28 1.38 -25.80
N GLY B 27 27.53 1.04 -25.39
CA GLY B 27 27.81 0.02 -24.39
C GLY B 27 27.55 0.41 -22.94
N LYS B 28 26.76 1.48 -22.74
CA LYS B 28 26.39 2.07 -21.46
C LYS B 28 26.00 1.14 -20.33
N ILE B 29 26.37 1.50 -19.12
CA ILE B 29 26.25 0.66 -17.95
C ILE B 29 25.42 1.39 -16.91
N ASN B 30 24.50 0.74 -16.22
CA ASN B 30 23.76 1.40 -15.21
C ASN B 30 24.03 0.75 -13.88
N LEU B 31 24.80 1.47 -13.08
CA LEU B 31 25.10 1.07 -11.71
C LEU B 31 24.31 1.83 -10.66
N GLY B 32 23.44 2.70 -11.12
CA GLY B 32 22.58 3.42 -10.20
C GLY B 32 21.27 2.72 -9.86
N ILE B 33 21.07 1.51 -10.38
CA ILE B 33 19.83 0.75 -10.15
C ILE B 33 19.71 0.26 -8.73
N GLY B 34 18.54 0.10 -8.21
CA GLY B 34 18.52 -0.43 -6.86
C GLY B 34 18.13 -1.91 -6.77
N VAL B 35 18.30 -2.65 -7.87
CA VAL B 35 17.73 -3.97 -8.00
C VAL B 35 18.80 -4.99 -8.34
N TYR B 36 18.60 -6.28 -8.02
CA TYR B 36 19.57 -7.31 -8.38
C TYR B 36 19.48 -7.51 -9.89
N LYS B 37 20.54 -7.97 -10.52
CA LYS B 37 20.60 -8.06 -11.97
C LYS B 37 21.56 -9.25 -12.11
N ASP B 38 21.25 -10.27 -12.89
CA ASP B 38 22.10 -11.44 -13.01
C ASP B 38 23.11 -11.20 -14.11
N GLU B 39 23.91 -12.23 -14.37
CA GLU B 39 24.98 -12.23 -15.37
C GLU B 39 24.67 -11.80 -16.81
N THR B 40 23.39 -11.98 -17.15
CA THR B 40 22.84 -11.66 -18.46
C THR B 40 22.35 -10.21 -18.42
N GLY B 41 22.07 -9.73 -17.23
CA GLY B 41 21.59 -8.38 -17.15
C GLY B 41 20.09 -8.29 -17.01
N LYS B 42 19.46 -9.11 -16.19
CA LYS B 42 18.05 -9.00 -16.02
C LYS B 42 17.73 -9.53 -14.66
N THR B 43 16.53 -9.16 -14.28
CA THR B 43 16.03 -9.34 -12.94
C THR B 43 14.88 -10.30 -13.02
N PRO B 44 15.13 -11.62 -13.07
CA PRO B 44 14.15 -12.63 -13.33
C PRO B 44 13.29 -12.87 -12.11
N VAL B 45 12.32 -13.70 -12.46
CA VAL B 45 11.38 -14.13 -11.49
C VAL B 45 11.97 -15.38 -10.93
N LEU B 46 12.25 -15.44 -9.63
CA LEU B 46 12.82 -16.60 -9.00
C LEU B 46 11.98 -17.80 -9.37
N THR B 47 12.62 -18.94 -9.63
CA THR B 47 11.91 -20.17 -10.00
C THR B 47 10.94 -20.61 -8.91
N SER B 48 11.35 -20.53 -7.64
CA SER B 48 10.49 -20.90 -6.56
C SER B 48 9.30 -19.99 -6.43
N VAL B 49 9.47 -18.71 -6.82
CA VAL B 49 8.36 -17.77 -6.79
C VAL B 49 7.36 -18.24 -7.81
N LYS B 50 7.83 -18.52 -9.05
CA LYS B 50 7.01 -18.97 -10.17
C LYS B 50 6.25 -20.25 -9.80
N LYS B 51 6.96 -21.18 -9.17
CA LYS B 51 6.32 -22.36 -8.65
C LYS B 51 5.22 -22.06 -7.64
N ALA B 52 5.43 -21.11 -6.73
CA ALA B 52 4.44 -20.83 -5.72
C ALA B 52 3.32 -20.10 -6.43
N GLU B 53 3.59 -19.34 -7.48
CA GLU B 53 2.52 -18.62 -8.15
C GLU B 53 1.56 -19.54 -8.94
N GLN B 54 1.96 -20.80 -9.27
CA GLN B 54 1.12 -21.77 -10.00
C GLN B 54 0.26 -22.44 -8.97
N TYR B 55 0.90 -22.87 -7.90
CA TYR B 55 0.24 -23.44 -6.76
C TYR B 55 -0.94 -22.58 -6.31
N LEU B 56 -0.75 -21.25 -6.18
CA LEU B 56 -1.82 -20.34 -5.78
C LEU B 56 -2.84 -20.24 -6.89
N LEU B 57 -2.43 -20.08 -8.15
CA LEU B 57 -3.38 -20.02 -9.26
C LEU B 57 -4.40 -21.15 -9.24
N GLU B 58 -3.95 -22.38 -8.97
CA GLU B 58 -4.79 -23.55 -8.89
C GLU B 58 -5.65 -23.67 -7.65
N ASN B 59 -5.13 -23.17 -6.54
CA ASN B 59 -5.76 -23.36 -5.24
C ASN B 59 -6.58 -22.26 -4.63
N GLU B 60 -6.44 -21.04 -5.12
CA GLU B 60 -7.20 -19.91 -4.61
C GLU B 60 -8.60 -20.03 -5.07
N THR B 61 -9.42 -19.90 -4.05
CA THR B 61 -10.84 -19.94 -4.17
C THR B 61 -11.54 -18.60 -3.96
N THR B 62 -10.89 -17.48 -3.54
CA THR B 62 -11.57 -16.21 -3.24
C THR B 62 -10.49 -15.17 -3.20
N LYS B 63 -10.87 -13.96 -3.59
CA LYS B 63 -9.89 -12.94 -3.39
C LYS B 63 -10.38 -11.95 -2.33
N ASN B 64 -11.16 -12.47 -1.37
CA ASN B 64 -11.65 -11.70 -0.25
C ASN B 64 -10.49 -11.14 0.59
N TYR B 65 -10.80 -9.96 1.13
CA TYR B 65 -9.89 -9.22 1.99
C TYR B 65 -9.14 -9.99 3.02
N LEU B 66 -7.88 -9.61 3.11
CA LEU B 66 -7.08 -10.08 4.22
C LEU B 66 -7.40 -9.32 5.50
N GLY B 67 -7.08 -9.77 6.73
CA GLY B 67 -7.15 -8.88 7.90
C GLY B 67 -6.19 -7.70 7.72
N ILE B 68 -6.15 -6.72 8.62
CA ILE B 68 -5.25 -5.57 8.47
C ILE B 68 -3.76 -5.90 8.65
N ASP B 69 -3.55 -6.93 9.46
CA ASP B 69 -2.22 -7.50 9.67
C ASP B 69 -1.78 -8.53 8.64
N GLY B 70 -2.69 -8.88 7.73
CA GLY B 70 -2.44 -9.79 6.61
C GLY B 70 -2.55 -11.27 6.92
N ILE B 71 -1.66 -12.01 6.27
CA ILE B 71 -1.63 -13.47 6.32
C ILE B 71 -0.87 -13.96 7.56
N PRO B 72 -1.50 -14.62 8.54
CA PRO B 72 -0.87 -15.23 9.66
C PRO B 72 0.41 -16.00 9.44
N GLU B 73 0.60 -17.01 8.57
CA GLU B 73 1.90 -17.71 8.54
C GLU B 73 2.87 -16.87 7.79
N PHE B 74 2.38 -15.83 7.06
CA PHE B 74 3.34 -14.91 6.51
C PHE B 74 3.95 -14.26 7.72
N GLY B 75 3.11 -13.83 8.68
CA GLY B 75 3.50 -13.27 9.95
C GLY B 75 4.57 -14.12 10.66
N ARG B 76 4.18 -15.36 10.96
CA ARG B 76 4.99 -16.33 11.75
C ARG B 76 6.39 -16.62 11.22
N CYS B 77 6.31 -16.89 9.92
CA CYS B 77 7.42 -17.28 9.13
C CYS B 77 8.28 -16.06 9.16
N THR B 78 7.86 -14.78 9.01
CA THR B 78 8.91 -13.75 9.10
C THR B 78 9.39 -13.61 10.54
N GLN B 79 8.56 -13.73 11.55
CA GLN B 79 9.06 -13.71 12.90
C GLN B 79 10.18 -14.70 13.14
N GLU B 80 10.06 -15.96 12.77
CA GLU B 80 11.14 -16.94 12.89
C GLU B 80 12.29 -16.58 12.01
N LEU B 81 12.03 -15.97 10.88
CA LEU B 81 13.14 -15.66 10.01
C LEU B 81 13.95 -14.56 10.66
N LEU B 82 13.32 -13.61 11.38
CA LEU B 82 14.04 -12.51 11.96
C LEU B 82 14.72 -12.91 13.22
N PHE B 83 13.95 -13.45 14.15
CA PHE B 83 14.43 -13.73 15.48
C PHE B 83 14.91 -15.15 15.70
N GLY B 84 14.98 -16.00 14.67
CA GLY B 84 15.36 -17.40 14.85
C GLY B 84 14.20 -18.21 15.47
N LYS B 85 14.11 -19.51 15.16
CA LYS B 85 12.98 -20.35 15.56
C LYS B 85 12.63 -20.55 17.03
N GLY B 86 13.60 -20.64 17.96
CA GLY B 86 13.24 -20.84 19.36
C GLY B 86 13.21 -19.56 20.20
N SER B 87 13.11 -18.40 19.54
CA SER B 87 13.15 -17.13 20.22
C SER B 87 12.07 -17.02 21.25
N ALA B 88 12.60 -16.62 22.39
CA ALA B 88 11.77 -16.30 23.53
C ALA B 88 10.73 -15.28 23.14
N LEU B 89 11.10 -14.33 22.28
CA LEU B 89 10.17 -13.34 21.80
C LEU B 89 8.95 -13.95 21.15
N ILE B 90 9.20 -15.11 20.52
CA ILE B 90 8.13 -15.79 19.89
C ILE B 90 7.46 -16.66 20.93
N ASN B 91 8.20 -17.34 21.78
CA ASN B 91 7.52 -18.22 22.71
C ASN B 91 6.65 -17.51 23.77
N ASP B 92 7.12 -16.32 24.18
CA ASP B 92 6.48 -15.46 25.16
C ASP B 92 5.42 -14.57 24.52
N LYS B 93 5.33 -14.62 23.19
CA LYS B 93 4.34 -13.87 22.43
C LYS B 93 4.51 -12.35 22.66
N ARG B 94 5.75 -11.85 22.46
CA ARG B 94 6.12 -10.45 22.67
C ARG B 94 6.20 -9.71 21.39
N ALA B 95 6.17 -10.35 20.23
CA ALA B 95 6.27 -9.66 18.96
C ALA B 95 4.96 -9.77 18.19
N ARG B 96 4.57 -8.76 17.39
CA ARG B 96 3.44 -8.86 16.48
C ARG B 96 3.81 -8.28 15.12
N THR B 97 3.51 -9.06 14.06
CA THR B 97 3.83 -8.65 12.69
C THR B 97 2.59 -8.24 11.90
N ALA B 98 2.66 -7.10 11.19
CA ALA B 98 1.65 -6.69 10.27
C ALA B 98 2.32 -6.71 8.91
N GLN B 99 1.63 -7.32 7.95
CA GLN B 99 2.00 -7.47 6.55
C GLN B 99 1.78 -6.08 5.94
N THR B 100 2.78 -5.53 5.24
CA THR B 100 2.70 -4.16 4.78
C THR B 100 3.04 -4.07 3.31
N PRO B 101 2.77 -3.03 2.52
CA PRO B 101 3.26 -2.90 1.18
C PRO B 101 4.72 -2.55 1.02
N GLY B 102 5.58 -3.53 1.25
CA GLY B 102 7.01 -3.30 1.11
C GLY B 102 7.61 -2.93 2.46
N GLY B 103 8.93 -2.77 2.43
CA GLY B 103 9.72 -2.27 3.55
C GLY B 103 9.39 -0.80 3.75
N THR B 104 9.36 0.00 2.67
CA THR B 104 8.92 1.39 2.71
C THR B 104 7.57 1.52 3.39
N GLY B 105 6.59 0.68 3.10
CA GLY B 105 5.27 0.77 3.73
C GLY B 105 5.36 0.42 5.20
N ALA B 106 6.33 -0.39 5.64
CA ALA B 106 6.45 -0.72 7.05
C ALA B 106 7.09 0.40 7.88
N LEU B 107 7.99 1.16 7.25
CA LEU B 107 8.74 2.29 7.76
C LEU B 107 7.65 3.34 8.03
N ARG B 108 6.92 3.71 6.98
CA ARG B 108 5.81 4.62 7.07
C ARG B 108 4.77 4.17 8.07
N VAL B 109 4.37 2.90 8.10
CA VAL B 109 3.39 2.42 9.08
C VAL B 109 3.94 2.57 10.50
N ALA B 110 5.27 2.42 10.68
CA ALA B 110 5.91 2.52 11.97
C ALA B 110 5.91 3.95 12.34
N ALA B 111 6.24 4.81 11.36
CA ALA B 111 6.23 6.24 11.52
C ALA B 111 4.86 6.72 11.95
N ASP B 112 3.70 6.44 11.33
CA ASP B 112 2.45 7.00 11.82
C ASP B 112 2.10 6.41 13.16
N PHE B 113 2.48 5.19 13.45
CA PHE B 113 2.16 4.63 14.74
C PHE B 113 2.85 5.37 15.88
N LEU B 114 4.14 5.65 15.66
CA LEU B 114 4.93 6.34 16.64
C LEU B 114 4.48 7.80 16.67
N ALA B 115 4.32 8.46 15.53
CA ALA B 115 3.92 9.85 15.48
C ALA B 115 2.60 10.06 16.20
N LYS B 116 1.62 9.18 16.15
CA LYS B 116 0.33 9.47 16.74
C LYS B 116 0.08 8.78 18.09
N ASN B 117 0.92 7.81 18.52
CA ASN B 117 0.64 6.99 19.71
C ASN B 117 1.71 6.99 20.76
N THR B 118 2.75 7.75 20.45
CA THR B 118 3.91 7.84 21.30
C THR B 118 4.48 9.27 21.33
N SER B 119 5.40 9.45 22.27
CA SER B 119 6.08 10.71 22.51
C SER B 119 7.29 10.92 21.61
N VAL B 120 7.56 10.08 20.62
CA VAL B 120 8.70 10.25 19.75
C VAL B 120 8.45 11.49 18.92
N LYS B 121 9.59 12.18 18.84
CA LYS B 121 9.63 13.45 18.18
C LYS B 121 10.73 13.47 17.14
N ARG B 122 11.62 12.49 17.25
CA ARG B 122 12.86 12.45 16.50
C ARG B 122 13.39 11.06 16.18
N VAL B 123 13.91 10.87 14.98
CA VAL B 123 14.51 9.60 14.62
C VAL B 123 15.88 9.90 14.05
N TRP B 124 16.89 9.26 14.66
CA TRP B 124 18.28 9.38 14.26
C TRP B 124 18.57 8.39 13.08
N VAL B 125 19.09 8.79 11.91
CA VAL B 125 19.41 7.88 10.81
C VAL B 125 20.84 8.14 10.46
N SER B 126 21.57 7.20 9.88
CA SER B 126 22.97 7.41 9.65
C SER B 126 23.23 8.41 8.56
N ASN B 127 24.48 8.85 8.53
CA ASN B 127 24.98 9.72 7.49
C ASN B 127 26.06 8.86 6.84
N PRO B 128 25.87 8.38 5.59
CA PRO B 128 24.62 8.47 4.83
C PRO B 128 23.70 7.32 5.12
N SER B 129 22.53 7.46 4.51
CA SER B 129 21.51 6.43 4.53
C SER B 129 20.80 6.44 3.18
N TRP B 130 19.77 5.63 3.03
CA TRP B 130 18.91 5.61 1.86
C TRP B 130 18.11 6.91 1.97
N PRO B 131 18.16 7.75 0.95
CA PRO B 131 17.43 9.01 0.92
C PRO B 131 15.98 8.97 1.30
N ASN B 132 15.22 7.97 0.84
CA ASN B 132 13.81 7.96 1.19
C ASN B 132 13.50 7.74 2.67
N HIS B 133 14.50 7.58 3.54
CA HIS B 133 14.25 7.49 4.98
C HIS B 133 13.79 8.82 5.63
N LYS B 134 14.47 9.93 5.28
CA LYS B 134 14.12 11.24 5.79
C LYS B 134 12.68 11.58 5.43
N SER B 135 12.29 11.27 4.21
CA SER B 135 10.97 11.53 3.70
C SER B 135 9.91 10.68 4.39
N VAL B 136 10.04 9.36 4.66
CA VAL B 136 8.91 8.65 5.25
C VAL B 136 8.67 9.15 6.67
N PHE B 137 9.75 9.43 7.41
CA PHE B 137 9.69 9.98 8.75
C PHE B 137 9.25 11.44 8.75
N ASN B 138 9.63 12.28 7.77
CA ASN B 138 9.18 13.66 7.77
C ASN B 138 7.74 13.71 7.36
N SER B 139 7.26 12.80 6.52
CA SER B 139 5.87 12.84 6.13
C SER B 139 4.96 12.43 7.24
N ALA B 140 5.54 11.81 8.28
CA ALA B 140 4.74 11.47 9.44
C ALA B 140 4.82 12.61 10.44
N GLY B 141 5.69 13.61 10.19
CA GLY B 141 5.89 14.76 11.06
C GLY B 141 6.82 14.50 12.23
N LEU B 142 7.98 13.89 11.93
CA LEU B 142 9.00 13.52 12.88
C LEU B 142 10.29 14.19 12.47
N GLU B 143 11.12 14.58 13.42
CA GLU B 143 12.35 15.29 13.11
C GLU B 143 13.37 14.22 12.79
N VAL B 144 14.08 14.29 11.65
CA VAL B 144 15.11 13.28 11.50
C VAL B 144 16.46 13.96 11.63
N ARG B 145 17.20 13.40 12.57
CA ARG B 145 18.55 13.80 12.86
C ARG B 145 19.50 12.74 12.27
N GLU B 146 20.77 13.05 12.03
CA GLU B 146 21.78 12.14 11.49
C GLU B 146 22.96 11.95 12.42
N TYR B 147 23.32 10.68 12.61
CA TYR B 147 24.49 10.33 13.38
C TYR B 147 25.60 10.05 12.39
N ALA B 148 26.85 10.10 12.83
CA ALA B 148 27.95 9.79 11.95
C ALA B 148 28.07 8.28 11.75
N TYR B 149 28.83 7.87 10.72
CA TYR B 149 28.92 6.45 10.43
C TYR B 149 30.12 6.08 9.60
N TYR B 150 30.25 6.75 8.45
CA TYR B 150 31.25 6.34 7.52
C TYR B 150 32.44 7.29 7.50
N ASP B 151 33.63 6.72 7.23
CA ASP B 151 34.89 7.44 7.16
C ASP B 151 35.29 7.59 5.69
N ALA B 152 35.13 8.76 5.04
CA ALA B 152 35.46 8.93 3.62
C ALA B 152 36.92 8.74 3.29
N GLU B 153 37.74 8.92 4.34
CA GLU B 153 39.18 8.73 4.26
C GLU B 153 39.53 7.24 4.26
N ASN B 154 39.17 6.50 5.31
CA ASN B 154 39.54 5.08 5.44
C ASN B 154 38.65 3.98 4.87
N HIS B 155 37.48 4.44 4.40
CA HIS B 155 36.41 3.63 3.87
C HIS B 155 36.00 2.58 4.89
N THR B 156 35.41 3.08 5.97
CA THR B 156 35.00 2.24 7.09
C THR B 156 33.88 2.83 7.93
N LEU B 157 33.58 2.12 9.01
CA LEU B 157 32.53 2.50 9.94
C LEU B 157 33.33 3.27 10.97
N ASP B 158 33.35 4.60 11.22
CA ASP B 158 34.11 4.95 12.40
C ASP B 158 33.09 5.24 13.46
N PHE B 159 33.36 4.17 14.20
CA PHE B 159 32.55 3.79 15.31
C PHE B 159 32.52 4.86 16.35
N ASP B 160 33.72 5.43 16.59
CA ASP B 160 33.94 6.48 17.57
C ASP B 160 33.03 7.65 17.23
N ALA B 161 33.17 8.23 16.03
CA ALA B 161 32.29 9.33 15.63
C ALA B 161 30.84 8.92 15.60
N LEU B 162 30.50 7.61 15.43
CA LEU B 162 29.12 7.19 15.39
C LEU B 162 28.59 7.25 16.82
N ILE B 163 29.37 6.78 17.76
CA ILE B 163 28.85 6.66 19.11
C ILE B 163 28.79 7.99 19.87
N ASN B 164 29.66 8.90 19.40
CA ASN B 164 29.81 10.23 19.93
C ASN B 164 28.69 11.08 19.41
N SER B 165 28.23 10.86 18.19
CA SER B 165 27.12 11.64 17.69
C SER B 165 25.87 11.09 18.32
N LEU B 166 25.89 9.82 18.73
CA LEU B 166 24.74 9.27 19.37
C LEU B 166 24.78 9.56 20.85
N ASN B 167 25.53 10.58 21.26
CA ASN B 167 25.42 10.97 22.65
C ASN B 167 24.43 12.13 22.74
N GLU B 168 23.97 12.17 24.01
CA GLU B 168 22.76 12.88 24.40
C GLU B 168 21.76 12.12 23.52
N ALA B 169 21.29 12.60 22.32
CA ALA B 169 20.26 11.91 21.53
C ALA B 169 19.27 11.30 22.54
N GLN B 170 18.66 12.22 23.28
CA GLN B 170 17.72 11.95 24.38
C GLN B 170 16.94 10.65 24.47
N ALA B 171 16.60 10.30 25.71
CA ALA B 171 15.85 9.09 25.98
C ALA B 171 14.48 9.17 25.32
N GLY B 172 14.08 8.08 24.63
CA GLY B 172 12.81 8.06 23.94
C GLY B 172 12.93 8.66 22.54
N ASP B 173 14.18 8.76 22.07
CA ASP B 173 14.46 9.03 20.68
C ASP B 173 14.49 7.71 19.89
N VAL B 174 14.12 7.69 18.60
CA VAL B 174 14.18 6.47 17.81
C VAL B 174 15.52 6.48 17.16
N VAL B 175 16.32 5.40 17.27
CA VAL B 175 17.54 5.31 16.48
C VAL B 175 17.29 4.23 15.45
N LEU B 176 17.49 4.58 14.18
CA LEU B 176 17.34 3.59 13.11
C LEU B 176 18.64 2.90 12.69
N PHE B 177 18.69 1.58 12.86
CA PHE B 177 19.79 0.74 12.40
C PHE B 177 19.42 -0.07 11.20
N HIS B 178 20.24 -0.03 10.14
CA HIS B 178 20.19 -0.92 8.97
C HIS B 178 20.75 -2.23 9.49
N GLY B 179 19.97 -3.33 9.54
CA GLY B 179 20.38 -4.62 10.12
C GLY B 179 21.47 -5.37 9.36
N CYS B 180 21.54 -5.14 8.03
CA CYS B 180 22.69 -5.57 7.23
C CYS B 180 22.69 -4.95 5.85
N CYS B 181 23.81 -4.94 5.14
CA CYS B 181 23.93 -4.41 3.79
C CYS B 181 23.46 -2.99 3.75
N HIS B 182 24.19 -2.24 4.59
CA HIS B 182 23.97 -0.81 4.75
C HIS B 182 23.89 -0.14 3.39
N ASN B 183 22.76 0.42 3.02
CA ASN B 183 22.64 1.21 1.80
C ASN B 183 22.86 2.66 2.23
N PRO B 184 23.88 3.37 1.77
CA PRO B 184 24.74 3.00 0.67
C PRO B 184 26.14 2.45 0.92
N THR B 185 26.70 2.40 2.12
CA THR B 185 28.14 2.18 2.24
C THR B 185 28.61 0.73 2.16
N GLY B 186 27.64 -0.15 2.37
CA GLY B 186 27.87 -1.56 2.42
C GLY B 186 28.69 -1.86 3.65
N ILE B 187 28.95 -0.89 4.55
CA ILE B 187 29.77 -1.15 5.72
C ILE B 187 28.82 -1.44 6.86
N ASP B 188 29.05 -2.51 7.60
CA ASP B 188 28.16 -2.92 8.69
C ASP B 188 28.87 -3.12 10.02
N PRO B 189 28.30 -2.85 11.21
CA PRO B 189 28.91 -3.08 12.54
C PRO B 189 29.35 -4.52 12.68
N THR B 190 30.42 -4.82 13.43
CA THR B 190 30.80 -6.21 13.69
C THR B 190 29.89 -6.70 14.79
N LEU B 191 29.93 -7.99 15.13
CA LEU B 191 29.09 -8.49 16.21
C LEU B 191 29.59 -7.92 17.53
N GLU B 192 30.81 -7.36 17.62
CA GLU B 192 31.26 -6.76 18.84
C GLU B 192 30.65 -5.37 18.98
N GLN B 193 30.73 -4.64 17.87
CA GLN B 193 30.10 -3.35 17.70
C GLN B 193 28.59 -3.42 17.89
N TRP B 194 27.83 -4.35 17.31
CA TRP B 194 26.37 -4.42 17.50
C TRP B 194 26.10 -4.59 18.97
N GLN B 195 26.83 -5.49 19.63
CA GLN B 195 26.69 -5.73 21.06
C GLN B 195 26.90 -4.47 21.88
N THR B 196 27.90 -3.66 21.45
CA THR B 196 28.19 -2.40 22.11
C THR B 196 26.98 -1.51 21.94
N LEU B 197 26.53 -1.33 20.69
CA LEU B 197 25.39 -0.49 20.39
C LEU B 197 24.15 -0.99 21.13
N ALA B 198 24.04 -2.27 21.46
CA ALA B 198 22.90 -2.79 22.19
C ALA B 198 22.92 -2.44 23.68
N GLN B 199 24.14 -2.49 24.22
CA GLN B 199 24.41 -2.21 25.62
C GLN B 199 24.16 -0.71 25.80
N LEU B 200 24.81 0.09 24.95
CA LEU B 200 24.68 1.52 25.03
C LEU B 200 23.24 1.95 24.79
N SER B 201 22.53 1.19 23.95
CA SER B 201 21.13 1.49 23.66
C SER B 201 20.21 1.33 24.86
N VAL B 202 20.38 0.32 25.75
CA VAL B 202 19.50 0.25 26.91
C VAL B 202 19.85 1.23 28.02
N GLU B 203 21.17 1.56 28.10
CA GLU B 203 21.75 2.49 29.09
C GLU B 203 21.15 3.87 28.84
N LYS B 204 21.22 4.32 27.57
CA LYS B 204 20.75 5.60 27.06
C LYS B 204 19.24 5.82 26.91
N GLY B 205 18.50 4.69 26.74
CA GLY B 205 17.05 4.72 26.59
C GLY B 205 16.50 5.01 25.19
N TRP B 206 17.20 4.63 24.10
CA TRP B 206 16.73 4.82 22.73
C TRP B 206 15.71 3.77 22.29
N LEU B 207 14.88 3.99 21.26
CA LEU B 207 13.99 2.96 20.71
C LEU B 207 14.67 2.56 19.39
N PRO B 208 15.23 1.35 19.20
CA PRO B 208 15.90 1.01 17.94
C PRO B 208 14.89 0.60 16.89
N LEU B 209 15.15 0.92 15.64
CA LEU B 209 14.24 0.54 14.58
C LEU B 209 15.14 -0.07 13.53
N PHE B 210 15.03 -1.38 13.40
CA PHE B 210 15.80 -2.01 12.34
C PHE B 210 15.12 -1.92 11.01
N ASP B 211 15.88 -1.44 10.05
CA ASP B 211 15.44 -1.48 8.70
C ASP B 211 16.25 -2.63 8.11
N PHE B 212 15.49 -3.69 7.81
CA PHE B 212 16.00 -4.97 7.38
C PHE B 212 15.64 -5.18 5.93
N ALA B 213 16.32 -4.61 4.93
CA ALA B 213 15.82 -4.84 3.58
C ALA B 213 16.54 -5.85 2.68
N TYR B 214 17.63 -6.44 3.17
CA TYR B 214 18.45 -7.32 2.37
C TYR B 214 18.90 -8.58 3.11
N GLN B 215 18.09 -9.12 4.04
CA GLN B 215 18.48 -10.33 4.79
C GLN B 215 18.83 -11.49 3.88
N GLY B 216 20.04 -11.95 4.03
CA GLY B 216 20.48 -13.05 3.21
C GLY B 216 21.47 -12.64 2.17
N PHE B 217 21.71 -11.31 2.05
CA PHE B 217 22.67 -10.83 1.06
C PHE B 217 24.07 -10.55 1.55
N ALA B 218 24.27 -10.65 2.88
CA ALA B 218 25.57 -10.30 3.41
C ALA B 218 26.35 -11.57 3.53
N ARG B 219 26.09 -12.39 4.55
CA ARG B 219 26.81 -13.64 4.71
C ARG B 219 25.92 -14.91 4.82
N GLY B 220 24.61 -14.72 4.94
CA GLY B 220 23.66 -15.78 5.04
C GLY B 220 22.48 -15.37 5.90
N LEU B 221 21.29 -15.91 5.65
CA LEU B 221 20.04 -15.63 6.32
C LEU B 221 20.04 -15.57 7.85
N GLU B 222 20.91 -16.26 8.57
CA GLU B 222 20.89 -16.20 10.05
C GLU B 222 21.95 -15.27 10.59
N GLU B 223 23.11 -15.33 9.96
CA GLU B 223 24.24 -14.52 10.26
C GLU B 223 23.86 -13.05 10.08
N ASP B 224 23.06 -12.71 9.06
CA ASP B 224 22.62 -11.37 8.83
C ASP B 224 21.66 -10.93 9.92
N ALA B 225 21.10 -11.77 10.79
CA ALA B 225 20.25 -11.24 11.82
C ALA B 225 20.89 -11.33 13.19
N GLU B 226 22.21 -11.65 13.32
CA GLU B 226 22.89 -11.65 14.63
C GLU B 226 22.69 -10.30 15.37
N GLY B 227 22.78 -9.25 14.52
CA GLY B 227 22.64 -7.86 14.86
C GLY B 227 21.33 -7.65 15.53
N LEU B 228 20.28 -7.83 14.75
CA LEU B 228 18.93 -7.65 15.26
C LEU B 228 18.70 -8.47 16.49
N ARG B 229 19.23 -9.68 16.44
CA ARG B 229 19.14 -10.59 17.57
C ARG B 229 19.93 -10.26 18.83
N ALA B 230 21.07 -9.54 18.74
CA ALA B 230 21.82 -9.08 19.92
C ALA B 230 20.97 -8.00 20.60
N PHE B 231 20.46 -7.04 19.80
CA PHE B 231 19.55 -6.05 20.32
C PHE B 231 18.28 -6.64 20.88
N ALA B 232 17.66 -7.62 20.24
CA ALA B 232 16.45 -8.21 20.79
C ALA B 232 16.66 -8.91 22.12
N ALA B 233 17.90 -9.35 22.38
CA ALA B 233 18.24 -10.04 23.61
C ALA B 233 18.16 -9.11 24.81
N MET B 234 18.60 -7.87 24.58
CA MET B 234 18.66 -6.87 25.64
C MET B 234 17.48 -5.90 25.73
N HIS B 235 16.64 -5.72 24.70
CA HIS B 235 15.51 -4.84 24.79
C HIS B 235 14.16 -5.50 25.09
N LYS B 236 13.32 -4.62 25.61
CA LYS B 236 11.93 -4.91 25.93
C LYS B 236 11.09 -4.56 24.70
N GLU B 237 11.43 -3.44 24.09
CA GLU B 237 10.72 -2.88 22.98
C GLU B 237 11.73 -2.63 21.86
N LEU B 238 11.22 -2.83 20.64
CA LEU B 238 11.99 -2.88 19.43
C LEU B 238 10.95 -2.84 18.30
N ILE B 239 11.36 -2.37 17.10
CA ILE B 239 10.54 -2.35 15.88
C ILE B 239 11.44 -2.72 14.71
N VAL B 240 10.96 -3.69 13.93
CA VAL B 240 11.71 -4.21 12.81
C VAL B 240 10.80 -3.97 11.61
N ALA B 241 11.36 -3.50 10.53
CA ALA B 241 10.66 -3.27 9.31
C ALA B 241 11.57 -3.92 8.26
N SER B 242 11.03 -4.97 7.61
CA SER B 242 11.72 -5.76 6.61
C SER B 242 10.89 -5.79 5.35
N SER B 243 11.65 -6.17 4.32
CA SER B 243 11.19 -6.24 2.95
C SER B 243 11.66 -7.54 2.32
N TYR B 244 10.75 -8.25 1.62
CA TYR B 244 11.11 -9.43 0.87
C TYR B 244 11.35 -8.98 -0.54
N SER B 245 11.48 -7.70 -0.84
CA SER B 245 11.64 -7.33 -2.22
C SER B 245 13.00 -7.74 -2.75
N HIS B 246 14.09 -7.80 -1.99
CA HIS B 246 15.38 -8.20 -2.56
C HIS B 246 15.63 -9.69 -2.50
N ASN B 247 15.49 -10.32 -1.34
CA ASN B 247 15.76 -11.73 -1.31
C ASN B 247 14.67 -12.58 -1.92
N PHE B 248 13.54 -12.13 -2.43
CA PHE B 248 12.60 -13.02 -3.04
C PHE B 248 12.39 -12.59 -4.48
N GLY B 249 13.07 -11.54 -4.97
CA GLY B 249 12.85 -10.97 -6.30
C GLY B 249 11.39 -10.61 -6.52
N LEU B 250 10.77 -10.16 -5.46
CA LEU B 250 9.36 -9.88 -5.42
C LEU B 250 9.08 -8.36 -5.35
N TYR B 251 10.01 -7.53 -5.89
CA TYR B 251 9.99 -6.07 -5.90
C TYR B 251 8.62 -5.50 -6.16
N ASN B 252 8.02 -5.67 -7.31
CA ASN B 252 6.80 -4.96 -7.61
C ASN B 252 5.55 -5.56 -7.04
N GLU B 253 5.67 -6.52 -6.12
CA GLU B 253 4.47 -7.10 -5.54
C GLU B 253 4.26 -6.47 -4.18
N ARG B 254 5.27 -5.74 -3.66
CA ARG B 254 5.20 -4.98 -2.42
C ARG B 254 5.07 -5.86 -1.21
N VAL B 255 6.18 -6.50 -0.85
CA VAL B 255 6.08 -7.41 0.26
C VAL B 255 7.03 -6.96 1.35
N GLY B 256 6.51 -6.89 2.54
CA GLY B 256 7.31 -6.51 3.68
C GLY B 256 6.49 -6.63 4.94
N ALA B 257 7.13 -6.41 6.07
CA ALA B 257 6.42 -6.48 7.33
C ALA B 257 7.00 -5.53 8.38
N CYS B 258 6.13 -5.19 9.30
CA CYS B 258 6.44 -4.30 10.37
C CYS B 258 6.14 -5.11 11.63
N THR B 259 7.22 -5.54 12.27
CA THR B 259 7.13 -6.29 13.50
C THR B 259 7.34 -5.31 14.68
N LEU B 260 6.57 -5.50 15.74
CA LEU B 260 6.52 -4.71 16.96
C LEU B 260 6.96 -5.61 18.12
N VAL B 261 8.08 -5.51 18.83
CA VAL B 261 8.15 -6.34 20.01
C VAL B 261 8.04 -5.35 21.16
N ALA B 262 7.24 -5.78 22.15
CA ALA B 262 6.89 -5.12 23.41
C ALA B 262 7.28 -5.98 24.60
N ALA B 263 7.25 -5.44 25.84
CA ALA B 263 7.79 -6.15 27.01
C ALA B 263 7.14 -7.47 27.36
N ASP B 264 5.88 -7.49 26.95
CA ASP B 264 5.03 -8.61 27.17
C ASP B 264 3.83 -8.56 26.24
N SER B 265 3.20 -9.73 26.26
CA SER B 265 2.01 -9.99 25.50
C SER B 265 0.95 -8.92 25.42
N GLU B 266 0.38 -8.60 26.60
CA GLU B 266 -0.74 -7.66 26.72
C GLU B 266 -0.50 -6.28 26.09
N THR B 267 0.75 -5.86 26.30
CA THR B 267 1.24 -4.61 25.79
C THR B 267 1.40 -4.75 24.29
N VAL B 268 2.03 -5.78 23.69
CA VAL B 268 2.15 -5.81 22.24
C VAL B 268 0.77 -5.89 21.67
N ASP B 269 -0.21 -6.42 22.38
CA ASP B 269 -1.51 -6.41 21.78
C ASP B 269 -2.17 -5.04 21.87
N ARG B 270 -1.99 -4.32 22.98
CA ARG B 270 -2.58 -3.00 23.10
C ARG B 270 -1.98 -2.07 22.05
N ALA B 271 -0.64 -2.04 21.97
CA ALA B 271 0.11 -1.29 20.97
C ALA B 271 -0.13 -1.74 19.50
N PHE B 272 -0.36 -3.01 19.19
CA PHE B 272 -0.55 -3.47 17.82
C PHE B 272 -1.92 -3.12 17.28
N SER B 273 -2.92 -2.97 18.14
CA SER B 273 -4.23 -2.56 17.68
C SER B 273 -4.10 -1.14 17.19
N GLN B 274 -3.35 -0.23 17.88
CA GLN B 274 -3.13 1.11 17.36
C GLN B 274 -2.25 1.08 16.14
N MET B 275 -1.42 0.05 15.97
CA MET B 275 -0.69 -0.14 14.72
C MET B 275 -1.70 -0.52 13.65
N LYS B 276 -2.72 -1.32 13.99
CA LYS B 276 -3.69 -1.74 13.02
C LYS B 276 -4.48 -0.58 12.54
N ALA B 277 -4.87 0.26 13.47
CA ALA B 277 -5.57 1.50 13.20
C ALA B 277 -4.86 2.36 12.15
N ALA B 278 -3.51 2.54 12.20
CA ALA B 278 -2.74 3.29 11.19
C ALA B 278 -2.87 2.77 9.76
N ILE B 279 -2.81 1.44 9.60
CA ILE B 279 -2.96 0.67 8.36
C ILE B 279 -4.37 0.86 7.85
N ARG B 280 -5.33 0.74 8.76
CA ARG B 280 -6.73 0.88 8.47
C ARG B 280 -7.01 2.25 7.89
N ALA B 281 -6.23 3.29 8.18
CA ALA B 281 -6.45 4.57 7.51
C ALA B 281 -5.44 4.89 6.46
N ASN B 282 -4.50 3.98 6.24
CA ASN B 282 -3.53 4.26 5.22
C ASN B 282 -4.02 3.50 4.01
N TYR B 283 -3.97 2.16 3.91
CA TYR B 283 -4.38 1.40 2.71
C TYR B 283 -5.37 0.27 2.98
N SER B 284 -5.87 0.26 4.20
CA SER B 284 -6.88 -0.60 4.75
C SER B 284 -6.46 -1.98 5.15
N ASN B 285 -5.84 -2.78 4.27
CA ASN B 285 -5.40 -4.17 4.49
C ASN B 285 -4.37 -4.51 3.42
N PRO B 286 -3.43 -5.44 3.57
CA PRO B 286 -2.29 -5.52 2.66
C PRO B 286 -2.47 -6.29 1.35
N PRO B 287 -1.71 -6.10 0.25
CA PRO B 287 -1.78 -6.97 -0.93
C PRO B 287 -1.23 -8.41 -0.79
N ALA B 288 -2.25 -9.30 -0.88
CA ALA B 288 -2.13 -10.75 -0.75
C ALA B 288 -1.18 -11.52 -1.64
N HIS B 289 -1.03 -11.17 -2.93
CA HIS B 289 -0.25 -12.04 -3.79
C HIS B 289 1.18 -12.32 -3.40
N GLY B 290 2.03 -11.30 -3.33
CA GLY B 290 3.43 -11.50 -2.98
C GLY B 290 3.55 -12.12 -1.60
N ALA B 291 2.80 -11.75 -0.58
CA ALA B 291 2.97 -12.37 0.71
C ALA B 291 2.45 -13.79 0.73
N SER B 292 1.56 -14.17 -0.23
CA SER B 292 1.11 -15.56 -0.35
C SER B 292 2.23 -16.37 -0.93
N VAL B 293 2.84 -15.80 -1.98
CA VAL B 293 3.98 -16.46 -2.57
C VAL B 293 5.02 -16.57 -1.46
N VAL B 294 5.36 -15.55 -0.66
CA VAL B 294 6.39 -15.67 0.39
C VAL B 294 6.04 -16.68 1.46
N ALA B 295 4.77 -16.82 1.83
CA ALA B 295 4.44 -17.76 2.89
C ALA B 295 4.39 -19.18 2.35
N THR B 296 4.01 -19.39 1.08
CA THR B 296 3.99 -20.72 0.49
C THR B 296 5.43 -21.25 0.36
N ILE B 297 6.38 -20.52 -0.20
CA ILE B 297 7.77 -20.93 -0.24
C ILE B 297 8.33 -21.24 1.15
N LEU B 298 8.27 -20.33 2.13
CA LEU B 298 8.85 -20.57 3.43
C LEU B 298 8.20 -21.67 4.25
N SER B 299 6.95 -22.02 3.96
CA SER B 299 6.39 -23.12 4.70
C SER B 299 6.64 -24.48 3.99
N ASN B 300 6.98 -24.60 2.67
CA ASN B 300 7.15 -25.93 2.03
C ASN B 300 8.62 -26.14 1.82
N ASP B 301 9.11 -27.10 2.63
CA ASP B 301 10.49 -27.52 2.69
C ASP B 301 11.19 -27.80 1.38
N ALA B 302 10.43 -28.13 0.34
CA ALA B 302 10.99 -28.31 -0.98
C ALA B 302 11.21 -26.97 -1.66
N LEU B 303 10.19 -26.09 -1.57
CA LEU B 303 10.31 -24.78 -2.16
C LEU B 303 11.25 -23.88 -1.39
N ARG B 304 11.26 -23.97 -0.07
CA ARG B 304 12.17 -23.22 0.73
C ARG B 304 13.62 -23.53 0.37
N ALA B 305 13.87 -24.82 0.06
CA ALA B 305 15.15 -25.40 -0.35
C ALA B 305 15.65 -24.79 -1.60
N ILE B 306 14.74 -24.75 -2.56
CA ILE B 306 15.11 -24.21 -3.84
C ILE B 306 15.41 -22.75 -3.61
N TRP B 307 14.48 -22.02 -2.96
CA TRP B 307 14.64 -20.59 -2.69
C TRP B 307 16.00 -20.27 -2.05
N GLU B 308 16.38 -20.92 -0.96
CA GLU B 308 17.67 -20.74 -0.34
C GLU B 308 18.78 -20.89 -1.34
N GLN B 309 18.78 -21.83 -2.29
CA GLN B 309 19.85 -21.86 -3.27
C GLN B 309 19.80 -20.69 -4.20
N GLU B 310 18.58 -20.23 -4.51
CA GLU B 310 18.43 -19.08 -5.39
C GLU B 310 18.99 -17.87 -4.65
N LEU B 311 18.75 -17.72 -3.34
CA LEU B 311 19.30 -16.62 -2.58
C LEU B 311 20.81 -16.73 -2.57
N THR B 312 21.31 -17.96 -2.42
CA THR B 312 22.72 -18.24 -2.31
C THR B 312 23.42 -17.90 -3.59
N ASP B 313 22.78 -18.12 -4.71
CA ASP B 313 23.45 -17.86 -5.95
C ASP B 313 23.55 -16.39 -6.15
N MET B 314 22.51 -15.64 -5.75
CA MET B 314 22.48 -14.18 -5.85
C MET B 314 23.59 -13.66 -4.95
N ARG B 315 23.60 -14.02 -3.66
CA ARG B 315 24.69 -13.63 -2.79
C ARG B 315 26.06 -13.95 -3.38
N GLN B 316 26.40 -15.13 -3.83
CA GLN B 316 27.72 -15.34 -4.40
C GLN B 316 27.98 -14.64 -5.69
N ARG B 317 27.01 -14.26 -6.49
CA ARG B 317 27.28 -13.57 -7.72
C ARG B 317 27.82 -12.20 -7.34
N ILE B 318 27.19 -11.60 -6.32
CA ILE B 318 27.60 -10.29 -5.87
C ILE B 318 29.00 -10.46 -5.28
N GLN B 319 29.26 -11.39 -4.35
CA GLN B 319 30.61 -11.63 -3.84
C GLN B 319 31.59 -11.84 -5.02
N ARG B 320 31.30 -12.57 -6.12
CA ARG B 320 32.18 -12.74 -7.28
C ARG B 320 32.59 -11.42 -7.96
N MET B 321 31.62 -10.53 -8.12
CA MET B 321 31.76 -9.24 -8.77
C MET B 321 32.54 -8.26 -7.92
N ARG B 322 32.41 -8.25 -6.57
CA ARG B 322 33.21 -7.40 -5.69
C ARG B 322 34.64 -7.85 -5.95
N GLN B 323 34.97 -9.16 -5.86
CA GLN B 323 36.33 -9.63 -6.10
C GLN B 323 36.91 -9.29 -7.43
N LEU B 324 36.14 -9.54 -8.46
CA LEU B 324 36.60 -9.35 -9.81
C LEU B 324 36.66 -7.89 -10.15
N PHE B 325 35.93 -7.02 -9.42
CA PHE B 325 35.99 -5.57 -9.69
C PHE B 325 37.32 -5.04 -9.17
N VAL B 326 37.65 -5.28 -7.90
CA VAL B 326 38.94 -4.78 -7.44
C VAL B 326 40.03 -5.40 -8.31
N ASN B 327 40.01 -6.66 -8.79
CA ASN B 327 41.05 -7.29 -9.63
C ASN B 327 41.17 -6.70 -11.00
N THR B 328 40.05 -6.65 -11.73
CA THR B 328 40.04 -6.06 -13.05
C THR B 328 40.49 -4.61 -12.92
N LEU B 329 40.22 -3.92 -11.79
CA LEU B 329 40.65 -2.53 -11.61
C LEU B 329 42.15 -2.56 -11.48
N GLN B 330 42.71 -3.34 -10.56
CA GLN B 330 44.16 -3.41 -10.32
C GLN B 330 45.00 -3.67 -11.57
N GLU B 331 44.43 -4.52 -12.41
CA GLU B 331 44.96 -4.88 -13.71
C GLU B 331 44.95 -3.75 -14.72
N LYS B 332 43.84 -3.02 -14.92
CA LYS B 332 43.75 -2.02 -15.98
C LYS B 332 44.55 -0.74 -15.71
N GLY B 333 45.19 -0.66 -14.54
CA GLY B 333 46.01 0.50 -14.20
C GLY B 333 45.55 1.21 -12.93
N ALA B 334 44.52 0.79 -12.18
CA ALA B 334 44.08 1.47 -10.96
C ALA B 334 45.15 1.81 -9.93
N ASN B 335 45.26 3.11 -10.11
CA ASN B 335 46.04 4.07 -9.37
C ASN B 335 45.82 4.02 -7.85
N ARG B 336 44.64 3.52 -7.42
CA ARG B 336 44.22 3.52 -6.03
C ARG B 336 43.95 2.09 -5.58
N ASP B 337 44.05 1.91 -4.27
CA ASP B 337 43.70 0.63 -3.67
C ASP B 337 42.21 0.64 -3.41
N PHE B 338 41.56 -0.27 -4.13
CA PHE B 338 40.13 -0.46 -4.00
C PHE B 338 39.82 -1.76 -3.29
N SER B 339 40.71 -2.27 -2.46
CA SER B 339 40.41 -3.53 -1.82
C SER B 339 39.29 -3.42 -0.77
N PHE B 340 38.92 -2.22 -0.33
CA PHE B 340 37.84 -2.09 0.65
C PHE B 340 36.50 -2.59 0.09
N ILE B 341 36.42 -2.64 -1.26
CA ILE B 341 35.25 -3.10 -2.00
C ILE B 341 34.82 -4.48 -1.58
N ILE B 342 35.77 -5.28 -1.12
CA ILE B 342 35.55 -6.65 -0.69
C ILE B 342 35.10 -6.77 0.76
N LYS B 343 35.42 -5.79 1.59
CA LYS B 343 35.05 -5.82 2.99
C LYS B 343 33.55 -5.59 3.17
N GLN B 344 32.98 -4.95 2.13
CA GLN B 344 31.60 -4.48 2.17
C GLN B 344 30.53 -5.46 1.71
N ASN B 345 29.26 -5.28 2.13
CA ASN B 345 28.19 -6.25 1.93
C ASN B 345 27.03 -5.87 1.04
N GLY B 346 26.36 -6.93 0.53
CA GLY B 346 25.14 -6.75 -0.20
C GLY B 346 25.43 -6.19 -1.57
N MET B 347 24.49 -5.43 -2.13
CA MET B 347 24.68 -4.96 -3.49
C MET B 347 25.41 -3.67 -3.78
N PHE B 348 25.45 -2.80 -2.78
CA PHE B 348 26.01 -1.48 -2.98
C PHE B 348 27.42 -1.26 -2.42
N SER B 349 28.04 -0.19 -2.92
CA SER B 349 29.28 0.32 -2.38
C SER B 349 29.57 1.76 -2.72
N PHE B 350 30.12 2.57 -1.82
CA PHE B 350 30.57 3.87 -2.28
C PHE B 350 31.87 3.63 -3.06
N SER B 351 31.92 3.85 -4.38
CA SER B 351 33.17 3.62 -5.08
C SER B 351 34.34 4.49 -4.59
N GLY B 352 34.06 5.66 -3.96
CA GLY B 352 35.09 6.62 -3.53
C GLY B 352 35.46 7.56 -4.67
N LEU B 353 34.46 8.11 -5.33
CA LEU B 353 34.64 8.95 -6.51
C LEU B 353 33.94 10.29 -6.30
N THR B 354 34.46 11.28 -6.97
CA THR B 354 33.98 12.65 -6.86
C THR B 354 32.68 12.91 -7.59
N LYS B 355 31.82 13.86 -7.18
CA LYS B 355 30.63 14.23 -7.93
C LYS B 355 31.08 14.53 -9.35
N GLU B 356 32.26 15.11 -9.52
CA GLU B 356 32.74 15.48 -10.83
C GLU B 356 33.26 14.24 -11.49
N GLN B 357 33.81 13.21 -10.82
CA GLN B 357 34.24 11.98 -11.50
C GLN B 357 33.02 11.20 -11.99
N VAL B 358 31.96 11.15 -11.18
CA VAL B 358 30.74 10.50 -11.52
C VAL B 358 30.17 11.16 -12.76
N LEU B 359 30.05 12.48 -12.88
CA LEU B 359 29.58 13.08 -14.13
C LEU B 359 30.55 12.81 -15.25
N ARG B 360 31.84 12.61 -15.03
CA ARG B 360 32.76 12.30 -16.12
C ARG B 360 32.34 10.97 -16.71
N LEU B 361 32.11 9.99 -15.82
CA LEU B 361 31.71 8.69 -16.25
C LEU B 361 30.38 8.77 -17.01
N ARG B 362 29.30 9.44 -16.56
CA ARG B 362 28.11 9.54 -17.38
C ARG B 362 28.36 10.24 -18.70
N GLU B 363 28.88 11.48 -18.76
CA GLU B 363 29.02 12.27 -19.99
C GLU B 363 29.93 11.69 -21.07
N GLU B 364 31.11 11.19 -20.69
CA GLU B 364 32.10 10.65 -21.62
C GLU B 364 31.98 9.14 -21.95
N PHE B 365 31.54 8.39 -20.94
CA PHE B 365 31.45 6.94 -20.99
C PHE B 365 30.01 6.53 -20.81
N GLY B 366 29.73 5.26 -20.72
CA GLY B 366 28.35 4.91 -20.51
C GLY B 366 28.08 4.75 -19.04
N VAL B 367 29.02 5.02 -18.14
CA VAL B 367 28.83 4.59 -16.79
C VAL B 367 27.93 5.52 -15.99
N TYR B 368 26.87 4.87 -15.52
CA TYR B 368 25.91 5.59 -14.73
C TYR B 368 25.89 5.17 -13.27
N ALA B 369 26.35 6.05 -12.36
CA ALA B 369 26.27 5.79 -10.92
C ALA B 369 25.55 6.94 -10.26
N VAL B 370 25.01 6.74 -9.03
CA VAL B 370 24.30 7.77 -8.26
C VAL B 370 25.32 8.84 -7.90
N ALA B 371 25.01 10.15 -7.90
CA ALA B 371 26.03 11.17 -7.65
C ALA B 371 26.85 11.03 -6.38
N SER B 372 26.35 10.27 -5.36
CA SER B 372 27.13 9.94 -4.19
C SER B 372 28.29 8.95 -4.46
N GLY B 373 28.46 8.43 -5.69
CA GLY B 373 29.49 7.43 -5.97
C GLY B 373 29.02 6.02 -5.64
N ARG B 374 27.74 5.84 -5.25
CA ARG B 374 27.18 4.56 -4.96
C ARG B 374 27.14 3.81 -6.28
N VAL B 375 27.69 2.60 -6.27
CA VAL B 375 27.59 1.76 -7.42
C VAL B 375 26.95 0.50 -6.88
N ASN B 376 26.05 -0.04 -7.70
CA ASN B 376 25.42 -1.31 -7.42
C ASN B 376 26.20 -2.42 -8.12
N VAL B 377 26.91 -3.20 -7.31
CA VAL B 377 27.71 -4.30 -7.80
C VAL B 377 26.94 -5.37 -8.60
N ALA B 378 25.62 -5.54 -8.33
CA ALA B 378 24.74 -6.39 -9.14
C ALA B 378 24.70 -6.03 -10.62
N GLY B 379 25.03 -4.83 -11.03
CA GLY B 379 24.96 -4.43 -12.41
C GLY B 379 26.23 -4.75 -13.12
N MET B 380 27.24 -5.22 -12.40
CA MET B 380 28.47 -5.58 -13.09
C MET B 380 28.38 -7.05 -13.38
N THR B 381 28.70 -7.34 -14.65
CA THR B 381 28.71 -8.69 -15.21
C THR B 381 30.08 -8.92 -15.77
N PRO B 382 30.62 -10.14 -15.81
CA PRO B 382 31.98 -10.41 -16.24
C PRO B 382 32.24 -9.86 -17.65
N ASP B 383 31.12 -9.63 -18.33
CA ASP B 383 31.13 -9.02 -19.64
C ASP B 383 31.36 -7.51 -19.66
N ASN B 384 30.62 -6.74 -18.82
CA ASN B 384 30.88 -5.30 -18.77
C ASN B 384 32.02 -4.91 -17.84
N MET B 385 32.43 -5.82 -16.96
CA MET B 385 33.54 -5.56 -16.09
C MET B 385 34.72 -4.91 -16.76
N ALA B 386 35.32 -5.36 -17.88
CA ALA B 386 36.47 -4.67 -18.45
C ALA B 386 36.20 -3.27 -19.01
N PRO B 387 35.25 -2.90 -19.88
CA PRO B 387 34.97 -1.49 -20.25
C PRO B 387 34.79 -0.49 -19.10
N LEU B 388 34.02 -0.92 -18.10
CA LEU B 388 33.66 -0.14 -16.92
C LEU B 388 34.92 0.22 -16.19
N CYS B 389 35.73 -0.78 -15.82
CA CYS B 389 36.96 -0.52 -15.16
C CYS B 389 37.85 0.38 -15.95
N GLU B 390 37.88 0.30 -17.27
CA GLU B 390 38.68 1.20 -18.08
C GLU B 390 38.19 2.64 -17.92
N ALA B 391 36.87 2.87 -17.88
CA ALA B 391 36.30 4.19 -17.63
C ALA B 391 36.62 4.70 -16.23
N ILE B 392 36.41 3.91 -15.15
CA ILE B 392 36.79 4.30 -13.82
C ILE B 392 38.28 4.62 -13.80
N VAL B 393 39.14 3.88 -14.50
CA VAL B 393 40.57 4.18 -14.51
C VAL B 393 40.90 5.47 -15.26
N ALA B 394 40.11 5.80 -16.27
CA ALA B 394 40.36 7.02 -17.04
C ALA B 394 40.08 8.33 -16.32
N VAL B 395 39.27 8.25 -15.26
CA VAL B 395 38.89 9.42 -14.48
C VAL B 395 39.59 9.50 -13.13
N LEU B 396 40.26 8.44 -12.67
CA LEU B 396 40.95 8.44 -11.39
C LEU B 396 42.04 9.50 -11.12
N1 PMP C . -14.90 4.26 -0.55
C2 PMP C . -16.16 3.77 -0.28
C2A PMP C . -17.33 4.67 -0.38
C3 PMP C . -16.34 2.43 -0.03
O3 PMP C . -17.58 1.95 0.20
C4 PMP C . -15.27 1.58 -0.04
C4A PMP C . -15.41 0.20 0.23
N4A PMP C . -14.50 -0.43 1.02
C5 PMP C . -14.02 2.08 -0.28
C6 PMP C . -13.82 3.42 -0.56
C5A PMP C . -12.90 1.19 -0.28
O4P PMP C . -12.49 0.58 -1.42
P PMP C . -11.17 -0.47 -1.27
O1P PMP C . -10.73 -0.79 -2.64
O2P PMP C . -11.56 -1.66 -0.51
O3P PMP C . -10.16 0.45 -0.45
C1 AKG D . -17.91 -1.67 3.68
O1 AKG D . -18.93 -1.68 4.35
O2 AKG D . -17.83 -1.09 2.59
C2 AKG D . -16.77 -2.31 4.15
O5 AKG D . -16.97 -2.98 5.23
C3 AKG D . -15.37 -2.26 3.58
C4 AKG D . -14.50 -3.28 4.26
C5 AKG D . -12.99 -3.21 3.98
O3 AKG D . -12.30 -4.18 4.37
O4 AKG D . -12.48 -2.23 3.38
N1 PMP E . 15.13 0.21 3.42
C2 PMP E . 16.28 0.25 2.66
C2A PMP E . 17.63 0.54 3.29
C3 PMP E . 16.19 0.02 1.31
O3 PMP E . 17.32 0.05 0.57
C4 PMP E . 14.99 -0.26 0.69
C4A PMP E . 14.89 -0.50 -0.76
N4A PMP E . 15.12 0.21 -1.42
C5 PMP E . 13.87 -0.30 1.44
C6 PMP E . 13.92 -0.06 2.82
C5A PMP E . 12.45 -0.63 0.74
O4P PMP E . 12.17 -1.62 0.37
P PMP E . 10.98 -1.82 -0.34
O1P PMP E . 9.96 -0.88 0.07
O2P PMP E . 10.69 -3.23 -0.11
O3P PMP E . 11.23 -1.48 -1.90
C1 AKG F . 17.43 1.40 -3.87
O1 AKG F . 17.52 0.18 -3.65
O2 AKG F . 18.40 2.17 -3.74
C2 AKG F . 16.20 1.93 -4.21
O5 AKG F . 15.98 3.26 -3.91
C3 AKG F . 15.06 1.18 -4.87
C4 AKG F . 13.68 1.81 -4.63
C5 AKG F . 12.79 1.88 -5.89
O3 AKG F . 11.55 1.93 -5.73
O4 AKG F . 13.30 1.90 -7.04
#